data_1PH6
#
_entry.id   1PH6
#
_cell.length_a   93.465
_cell.length_b   93.465
_cell.length_c   423.944
_cell.angle_alpha   90.00
_cell.angle_beta   90.00
_cell.angle_gamma   120.00
#
_symmetry.space_group_name_H-M   'P 61 2 2'
#
loop_
_entity.id
_entity.type
_entity.pdbx_description
1 polymer "5'-D(*GP*GP*GP*GP*TP*TP*TP*TP*GP*GP*GP*GP*T)-3'"
2 polymer "5'-D(*GP*GP*GP*GP*TP*TP*TP*TP*GP*TP*GP*G)-3'"
3 polymer 'Telomere-binding protein alpha subunit'
4 polymer 'Telomere-binding protein beta subunit'
5 non-polymer 'SODIUM ION'
6 water water
#
loop_
_entity_poly.entity_id
_entity_poly.type
_entity_poly.pdbx_seq_one_letter_code
_entity_poly.pdbx_strand_id
1 'polydeoxyribonucleotide' (DG)(DG)(DG)(DG)(DT)(DT)(DT)(DT)(DG)(DG)(DG)(DG)(DT) G,H
2 'polydeoxyribonucleotide' (DG)(DG)(DG)(DT)(DT)(DT)(DT)(DG)(DT)(DG)(DG) D
3 'polypeptide(L)'
;KYEYVELAKASLTSAQPQHFYAVVIDATFPYKTNQERYICSLKIVDPTLYLKQQKGAGDASDYATLVLYAKRFEDLPIIH
RAGDIIRVHRATLRLYNGQRQFNANVFYSSSWALFSTDKRSVTQEINNQDAVSDTTPFSFSSKHATIEKNEISILQNLRK
WANQYFSSYSVISSDMYTALNKAQAQKGDFDVVAKILQVHELDEYTNELKLKDASGQVFYTLSLKLKFPHVRTGEVVRIR
SATYDETSTQKKVLILSHYSNIITFIQSSKLAKELRAKIQDDHSVEVASLKKNVSLNAVVLTEVDKKHAALPSTSLQDLF
HHADSDKELQAQDTFRTQFYVTKIEPSDVKEWVKGYDRKTKKSSSLKGASGKGDNIFQVQFLVKDASTQLNNNTYRVLLY
TQDGLGANFFNVKADNLHKNADARKKLEDSAELLTKFNSYVDAVVERRNGFYLIKDTKLIY
;
A
4 'polypeptide(L)'
;PQQQSAFKQLYTELFNNEGDFSKVSSNLKKPLKCYVKESYPHFLVTDGYFFVAPYFTKEAVNEFHAKFPNVNIVDLTDKV
IVINNWSLELRRVNSAEVFTSYANLEARLIVHSFKPNLQERLNPTRYPVNLFRDDEFKTTIQHFRHTALQAAINKTVKGD
NLVDISKVADAAGKKGKVDAGIVKASASKGDEFSDFSFKEGNTATLKIADIFVQEKG
;
B
#
# COMPACT_ATOMS: atom_id res chain seq x y z
N LYS D 1 -20.99 -9.69 39.16
CA LYS D 1 -20.91 -8.22 39.35
C LYS D 1 -19.46 -7.76 39.32
N TYR D 2 -19.20 -6.69 38.58
CA TYR D 2 -17.85 -6.17 38.47
C TYR D 2 -17.73 -4.74 39.01
N GLU D 3 -16.67 -4.50 39.76
CA GLU D 3 -16.41 -3.20 40.35
C GLU D 3 -15.31 -2.53 39.55
N TYR D 4 -15.63 -1.45 38.86
CA TYR D 4 -14.64 -0.76 38.04
C TYR D 4 -13.92 0.37 38.80
N VAL D 5 -12.60 0.36 38.74
CA VAL D 5 -11.80 1.37 39.41
C VAL D 5 -11.11 2.31 38.41
N GLU D 6 -10.79 3.52 38.88
CA GLU D 6 -10.14 4.51 38.02
C GLU D 6 -8.64 4.27 38.00
N LEU D 7 -8.03 4.53 36.85
CA LEU D 7 -6.60 4.27 36.64
C LEU D 7 -5.69 4.71 37.77
N ALA D 8 -5.77 5.98 38.15
CA ALA D 8 -4.92 6.48 39.20
C ALA D 8 -5.24 5.93 40.58
N LYS D 9 -6.45 5.42 40.76
CA LYS D 9 -6.83 4.88 42.06
C LYS D 9 -6.68 3.37 42.18
N ALA D 10 -6.23 2.71 41.12
CA ALA D 10 -6.04 1.26 41.15
C ALA D 10 -4.94 0.91 42.15
N SER D 11 -5.07 -0.25 42.76
CA SER D 11 -4.08 -0.68 43.74
C SER D 11 -2.79 -1.28 43.17
N LEU D 12 -1.65 -0.76 43.61
CA LEU D 12 -0.36 -1.26 43.15
C LEU D 12 0.12 -2.36 44.09
N THR D 13 -0.40 -2.34 45.31
CA THR D 13 -0.03 -3.32 46.31
C THR D 13 -0.81 -4.61 46.14
N SER D 14 -2.14 -4.48 46.17
CA SER D 14 -3.01 -5.64 46.01
C SER D 14 -2.91 -6.18 44.60
N ALA D 15 -2.09 -7.21 44.41
CA ALA D 15 -1.91 -7.82 43.09
C ALA D 15 -3.13 -8.62 42.63
N GLN D 16 -4.31 -8.20 43.09
CA GLN D 16 -5.56 -8.86 42.74
C GLN D 16 -6.13 -8.31 41.45
N PRO D 17 -6.83 -9.17 40.68
CA PRO D 17 -7.43 -8.76 39.42
C PRO D 17 -8.38 -7.58 39.58
N GLN D 18 -8.10 -6.49 38.86
CA GLN D 18 -8.97 -5.31 38.91
C GLN D 18 -9.58 -5.07 37.53
N HIS D 19 -10.68 -4.33 37.50
CA HIS D 19 -11.40 -4.07 36.27
C HIS D 19 -11.52 -2.55 36.11
N PHE D 20 -11.55 -2.08 34.86
CA PHE D 20 -11.66 -0.65 34.61
C PHE D 20 -12.13 -0.34 33.19
N TYR D 21 -12.58 0.91 33.02
CA TYR D 21 -12.96 1.48 31.74
C TYR D 21 -11.88 2.54 31.45
N ALA D 22 -11.44 2.67 30.20
CA ALA D 22 -10.44 3.67 29.88
C ALA D 22 -10.52 4.05 28.43
N VAL D 23 -9.88 5.17 28.10
CA VAL D 23 -9.80 5.70 26.74
C VAL D 23 -8.43 5.31 26.18
N VAL D 24 -8.44 4.73 24.98
CA VAL D 24 -7.20 4.33 24.32
C VAL D 24 -6.65 5.50 23.50
N ILE D 25 -5.40 5.85 23.73
CA ILE D 25 -4.83 6.93 22.94
C ILE D 25 -3.71 6.39 22.04
N ASP D 26 -3.24 5.18 22.29
CA ASP D 26 -2.17 4.59 21.48
C ASP D 26 -2.16 3.08 21.61
N ALA D 27 -1.70 2.40 20.56
CA ALA D 27 -1.62 0.95 20.62
C ALA D 27 -0.84 0.33 19.51
N THR D 28 -0.07 -0.70 19.80
CA THR D 28 0.64 -1.39 18.74
C THR D 28 -0.46 -2.25 18.09
N PHE D 29 -0.14 -2.92 16.96
CA PHE D 29 -1.05 -3.87 16.30
C PHE D 29 -0.78 -5.17 17.09
N PRO D 30 -1.77 -6.09 17.12
CA PRO D 30 -1.53 -7.34 17.85
C PRO D 30 -0.45 -8.05 17.04
N TYR D 31 0.63 -8.50 17.68
CA TYR D 31 1.74 -9.18 16.99
C TYR D 31 2.20 -10.44 17.70
N LYS D 32 2.75 -11.39 16.94
CA LYS D 32 3.22 -12.66 17.51
C LYS D 32 4.66 -12.50 18.00
N THR D 33 5.02 -13.15 19.11
CA THR D 33 6.40 -13.08 19.62
C THR D 33 7.18 -14.38 19.42
N ASN D 34 6.46 -15.50 19.37
CA ASN D 34 7.08 -16.81 19.16
C ASN D 34 6.09 -17.76 18.48
N GLN D 35 5.98 -18.98 18.99
CA GLN D 35 5.06 -19.93 18.37
C GLN D 35 3.71 -20.06 19.05
N GLU D 36 3.61 -19.57 20.28
CA GLU D 36 2.35 -19.65 21.02
C GLU D 36 1.99 -18.36 21.76
N ARG D 37 2.56 -17.24 21.34
CA ARG D 37 2.29 -16.00 22.06
C ARG D 37 2.05 -14.74 21.21
N TYR D 38 0.95 -14.05 21.49
CA TYR D 38 0.61 -12.80 20.80
C TYR D 38 0.47 -11.67 21.82
N ILE D 39 0.82 -10.46 21.40
CA ILE D 39 0.75 -9.34 22.31
C ILE D 39 0.26 -8.04 21.69
N CYS D 40 -0.36 -7.20 22.51
CA CYS D 40 -0.79 -5.87 22.07
C CYS D 40 -0.53 -4.89 23.21
N SER D 41 0.28 -3.86 22.95
CA SER D 41 0.63 -2.86 23.95
C SER D 41 -0.10 -1.55 23.64
N LEU D 42 -0.79 -1.02 24.64
CA LEU D 42 -1.46 0.24 24.46
C LEU D 42 -1.40 1.25 25.64
N LYS D 43 -1.68 2.50 25.33
CA LYS D 43 -1.65 3.52 26.36
C LYS D 43 -3.09 3.92 26.66
N ILE D 44 -3.45 3.99 27.95
CA ILE D 44 -4.81 4.29 28.32
C ILE D 44 -4.93 5.46 29.24
N VAL D 45 -6.05 6.14 29.12
CA VAL D 45 -6.27 7.29 29.93
C VAL D 45 -7.68 7.35 30.53
N ASP D 46 -7.83 8.11 31.61
CA ASP D 46 -9.14 8.31 32.23
C ASP D 46 -9.15 9.63 33.04
N PRO D 47 -10.32 10.06 33.54
CA PRO D 47 -10.43 11.29 34.32
C PRO D 47 -9.40 11.51 35.45
N THR D 48 -8.76 10.45 35.93
CA THR D 48 -7.78 10.61 36.99
C THR D 48 -6.32 10.50 36.53
N LEU D 49 -6.09 10.14 35.26
CA LEU D 49 -4.73 9.96 34.74
C LEU D 49 -4.77 10.25 33.25
N TYR D 50 -4.50 11.50 32.87
CA TYR D 50 -4.54 11.85 31.46
C TYR D 50 -3.54 12.93 31.05
N LEU D 51 -3.01 13.63 32.04
CA LEU D 51 -2.09 14.69 31.70
C LEU D 51 -0.96 14.87 32.67
N LYS D 52 0.26 14.86 32.15
CA LYS D 52 1.39 15.14 33.00
C LYS D 52 1.08 16.62 33.06
N GLN D 53 1.80 17.37 33.86
CA GLN D 53 1.50 18.78 33.89
C GLN D 53 1.98 19.47 32.55
N ASP D 59 1.16 19.18 31.52
CA ASP D 59 1.16 19.59 30.08
C ASP D 59 1.18 18.44 29.04
N ALA D 60 2.28 17.69 28.97
CA ALA D 60 2.36 16.56 28.03
C ALA D 60 1.31 15.57 28.55
N SER D 61 0.80 14.69 27.69
CA SER D 61 -0.24 13.74 28.12
C SER D 61 0.35 12.65 29.01
N ASP D 62 -0.30 12.37 30.13
CA ASP D 62 0.17 11.33 31.04
C ASP D 62 -0.74 10.13 30.79
N TYR D 63 -0.31 8.93 31.17
CA TYR D 63 -1.11 7.74 30.91
C TYR D 63 -0.63 6.50 31.64
N ALA D 64 -1.44 5.46 31.59
CA ALA D 64 -1.10 4.18 32.18
C ALA D 64 -0.88 3.26 30.93
N THR D 65 -0.26 2.10 31.12
CA THR D 65 -0.06 1.18 30.01
C THR D 65 -0.86 -0.08 30.24
N LEU D 66 -1.21 -0.76 29.15
CA LEU D 66 -1.99 -1.97 29.26
C LEU D 66 -1.33 -2.97 28.32
N VAL D 67 -0.96 -4.16 28.81
CA VAL D 67 -0.36 -5.19 27.95
C VAL D 67 -1.28 -6.40 28.00
N LEU D 68 -1.79 -6.81 26.84
CA LEU D 68 -2.70 -7.96 26.72
C LEU D 68 -1.94 -9.12 26.12
N TYR D 69 -1.97 -10.26 26.80
CA TYR D 69 -1.31 -11.47 26.34
C TYR D 69 -2.37 -12.48 25.92
N ALA D 70 -2.14 -13.21 24.84
CA ALA D 70 -3.10 -14.19 24.34
C ALA D 70 -2.37 -15.29 23.58
N LYS D 71 -3.07 -16.37 23.23
CA LYS D 71 -2.48 -17.50 22.50
C LYS D 71 -2.97 -17.47 21.07
N ARG D 72 -3.86 -16.53 20.77
CA ARG D 72 -4.37 -16.40 19.40
C ARG D 72 -4.47 -14.92 18.97
N PHE D 73 -4.23 -14.68 17.69
CA PHE D 73 -4.28 -13.34 17.17
C PHE D 73 -5.65 -12.74 17.40
N GLU D 74 -6.69 -13.57 17.22
CA GLU D 74 -8.06 -13.13 17.33
C GLU D 74 -8.48 -12.74 18.72
N ASP D 75 -7.69 -13.11 19.73
CA ASP D 75 -8.06 -12.75 21.10
C ASP D 75 -7.59 -11.38 21.57
N LEU D 76 -7.02 -10.60 20.66
CA LEU D 76 -6.52 -9.28 20.98
C LEU D 76 -7.23 -8.19 20.19
N PRO D 77 -7.39 -7.02 20.79
CA PRO D 77 -8.06 -5.88 20.15
C PRO D 77 -7.26 -5.14 19.09
N ILE D 78 -7.92 -4.88 17.97
CA ILE D 78 -7.31 -4.14 16.90
C ILE D 78 -7.78 -2.68 17.08
N ILE D 79 -6.84 -1.82 17.42
CA ILE D 79 -7.10 -0.39 17.64
C ILE D 79 -6.82 0.38 16.37
N HIS D 80 -7.87 0.71 15.61
CA HIS D 80 -7.76 1.50 14.36
C HIS D 80 -7.88 3.01 14.68
N ARG D 81 -8.46 3.33 15.84
CA ARG D 81 -8.72 4.73 16.17
C ARG D 81 -8.47 5.08 17.61
N ALA D 82 -7.86 6.25 17.79
CA ALA D 82 -7.58 6.75 19.11
C ALA D 82 -8.78 7.54 19.64
N GLY D 83 -9.07 7.36 20.93
CA GLY D 83 -10.19 8.05 21.52
C GLY D 83 -11.34 7.11 21.89
N ASP D 84 -11.32 5.89 21.35
CA ASP D 84 -12.36 4.90 21.67
C ASP D 84 -12.08 4.41 23.07
N ILE D 85 -13.04 3.68 23.64
CA ILE D 85 -13.01 3.17 25.02
C ILE D 85 -12.87 1.64 25.12
N ILE D 86 -12.05 1.20 26.06
CA ILE D 86 -11.87 -0.23 26.26
C ILE D 86 -12.22 -0.57 27.69
N ARG D 87 -12.79 -1.74 27.90
CA ARG D 87 -13.18 -2.21 29.24
C ARG D 87 -12.42 -3.51 29.45
N VAL D 88 -11.76 -3.61 30.60
CA VAL D 88 -10.93 -4.77 30.90
C VAL D 88 -11.35 -5.40 32.20
N HIS D 89 -11.30 -6.72 32.22
CA HIS D 89 -11.65 -7.50 33.38
C HIS D 89 -10.45 -8.33 33.81
N ARG D 90 -10.24 -8.37 35.12
CA ARG D 90 -9.16 -9.13 35.73
C ARG D 90 -7.78 -8.79 35.23
N ALA D 91 -7.36 -7.55 35.46
CA ALA D 91 -6.02 -7.08 35.10
C ALA D 91 -5.19 -6.93 36.39
N THR D 92 -3.89 -7.24 36.33
CA THR D 92 -3.01 -7.08 37.49
C THR D 92 -2.17 -5.83 37.28
N LEU D 93 -2.18 -4.95 38.26
CA LEU D 93 -1.42 -3.71 38.15
C LEU D 93 -0.07 -3.76 38.86
N ARG D 94 0.99 -3.29 38.19
CA ARG D 94 2.31 -3.22 38.82
C ARG D 94 3.04 -2.02 38.24
N LEU D 95 4.08 -1.61 38.94
CA LEU D 95 4.88 -0.48 38.51
C LEU D 95 6.03 -0.96 37.61
N TYR D 96 6.11 -0.41 36.40
CA TYR D 96 7.15 -0.79 35.43
C TYR D 96 7.89 0.48 35.01
N ASN D 97 9.11 0.65 35.53
CA ASN D 97 9.91 1.83 35.25
C ASN D 97 9.14 3.15 35.49
N GLY D 98 8.55 3.27 36.68
CA GLY D 98 7.83 4.48 37.00
C GLY D 98 6.39 4.59 36.50
N GLN D 99 5.99 3.79 35.53
CA GLN D 99 4.63 3.90 35.03
C GLN D 99 3.69 2.83 35.56
N ARG D 100 2.41 3.16 35.65
CA ARG D 100 1.44 2.17 36.10
C ARG D 100 1.13 1.27 34.92
N GLN D 101 1.52 0.00 35.02
CA GLN D 101 1.29 -1.00 33.98
C GLN D 101 0.24 -2.03 34.36
N PHE D 102 -0.81 -2.11 33.55
CA PHE D 102 -1.86 -3.08 33.74
C PHE D 102 -1.61 -4.23 32.79
N ASN D 103 -1.54 -5.43 33.34
CA ASN D 103 -1.33 -6.64 32.56
C ASN D 103 -2.55 -7.57 32.59
N ALA D 104 -2.91 -8.12 31.43
CA ALA D 104 -4.04 -9.03 31.42
C ALA D 104 -3.76 -10.21 30.50
N ASN D 105 -3.83 -11.43 31.06
CA ASN D 105 -3.63 -12.65 30.29
C ASN D 105 -4.98 -13.09 29.73
N VAL D 106 -5.26 -12.65 28.50
CA VAL D 106 -6.52 -12.99 27.87
C VAL D 106 -6.63 -14.48 27.69
N PHE D 107 -5.49 -15.16 27.57
CA PHE D 107 -5.50 -16.60 27.37
C PHE D 107 -5.90 -17.34 28.63
N TYR D 108 -6.08 -16.63 29.72
CA TYR D 108 -6.49 -17.29 30.95
C TYR D 108 -7.89 -16.92 31.41
N SER D 109 -8.00 -15.81 32.14
CA SER D 109 -9.31 -15.39 32.63
C SER D 109 -9.62 -13.93 32.39
N SER D 110 -8.67 -13.22 31.78
CA SER D 110 -8.91 -11.80 31.50
C SER D 110 -9.73 -11.58 30.22
N SER D 111 -10.39 -10.44 30.13
CA SER D 111 -11.16 -10.14 28.93
C SER D 111 -11.20 -8.65 28.70
N TRP D 112 -11.50 -8.27 27.46
CA TRP D 112 -11.59 -6.88 27.09
C TRP D 112 -12.78 -6.63 26.16
N ALA D 113 -13.21 -5.38 26.09
CA ALA D 113 -14.32 -5.02 25.21
C ALA D 113 -14.10 -3.58 24.77
N LEU D 114 -14.30 -3.31 23.49
CA LEU D 114 -14.12 -1.97 22.93
C LEU D 114 -15.45 -1.34 22.64
N PHE D 115 -15.59 -0.08 23.04
CA PHE D 115 -16.79 0.72 22.82
C PHE D 115 -16.42 1.95 22.00
N SER D 116 -17.29 2.25 21.05
CA SER D 116 -17.09 3.39 20.16
C SER D 116 -17.43 4.71 20.86
N THR D 117 -16.51 5.67 20.80
CA THR D 117 -16.73 6.97 21.42
C THR D 117 -17.56 7.79 20.45
N ASP D 118 -17.30 7.63 19.16
CA ASP D 118 -18.10 8.28 18.13
C ASP D 118 -19.36 7.46 17.84
N LYS D 119 -20.28 8.03 17.07
CA LYS D 119 -21.52 7.35 16.74
C LYS D 119 -21.25 5.93 16.23
N ARG D 120 -20.33 5.81 15.27
CA ARG D 120 -20.01 4.51 14.70
C ARG D 120 -18.57 4.15 14.98
N SER D 121 -18.28 2.86 14.92
CA SER D 121 -16.91 2.37 15.09
C SER D 121 -16.23 2.53 13.72
N VAL D 122 -14.92 2.39 13.68
CA VAL D 122 -14.20 2.52 12.42
C VAL D 122 -14.83 1.61 11.37
N THR D 123 -14.89 0.31 11.66
CA THR D 123 -15.44 -0.70 10.74
C THR D 123 -16.84 -0.33 10.30
N GLN D 124 -17.64 0.14 11.25
CA GLN D 124 -18.99 0.57 10.92
C GLN D 124 -18.99 1.75 9.95
N GLU D 125 -17.97 2.61 10.02
CA GLU D 125 -17.88 3.75 9.12
C GLU D 125 -17.47 3.28 7.74
N ILE D 126 -16.58 2.30 7.68
CA ILE D 126 -16.12 1.78 6.40
C ILE D 126 -17.24 1.05 5.66
N ASN D 127 -18.04 0.29 6.40
CA ASN D 127 -19.11 -0.49 5.78
C ASN D 127 -20.44 0.21 5.81
N ASN D 128 -20.41 1.47 6.24
CA ASN D 128 -21.62 2.27 6.34
C ASN D 128 -22.72 1.55 7.09
N GLN D 129 -22.41 1.13 8.31
CA GLN D 129 -23.36 0.42 9.17
C GLN D 129 -23.71 1.30 10.37
N ASP D 130 -24.86 1.05 10.97
CA ASP D 130 -25.27 1.81 12.15
C ASP D 130 -24.98 0.96 13.37
N ALA D 131 -24.59 1.61 14.47
CA ALA D 131 -24.28 0.88 15.70
C ALA D 131 -25.57 0.32 16.30
N VAL D 132 -25.51 -0.94 16.73
CA VAL D 132 -26.67 -1.60 17.34
C VAL D 132 -27.26 -0.71 18.45
N SER D 133 -26.37 -0.17 19.29
CA SER D 133 -26.76 0.71 20.39
C SER D 133 -25.52 1.35 20.98
N ASP D 134 -25.70 2.42 21.74
CA ASP D 134 -24.59 3.13 22.34
C ASP D 134 -24.01 2.37 23.53
N THR D 135 -24.57 1.20 23.80
CA THR D 135 -24.10 0.38 24.90
C THR D 135 -23.53 -0.96 24.43
N THR D 136 -23.48 -1.14 23.12
CA THR D 136 -22.96 -2.38 22.52
C THR D 136 -21.49 -2.25 22.12
N PRO D 137 -20.63 -3.18 22.55
CA PRO D 137 -19.20 -3.17 22.23
C PRO D 137 -19.08 -3.59 20.79
N PHE D 138 -18.25 -2.88 20.02
CA PHE D 138 -18.08 -3.21 18.62
C PHE D 138 -17.07 -4.32 18.44
N SER D 139 -16.47 -4.76 19.53
CA SER D 139 -15.48 -5.83 19.54
C SER D 139 -15.16 -6.23 20.98
N PHE D 140 -14.91 -7.52 21.21
CA PHE D 140 -14.61 -7.98 22.56
C PHE D 140 -14.01 -9.36 22.55
N SER D 141 -13.31 -9.73 23.63
CA SER D 141 -12.70 -11.07 23.69
C SER D 141 -13.71 -12.05 24.21
N SER D 142 -13.46 -13.34 23.98
CA SER D 142 -14.32 -14.45 24.41
C SER D 142 -15.61 -14.50 23.58
N LYS D 143 -16.38 -15.56 23.76
CA LYS D 143 -17.61 -15.70 22.99
C LYS D 143 -18.74 -14.76 23.40
N HIS D 144 -18.62 -14.15 24.58
CA HIS D 144 -19.67 -13.28 25.09
C HIS D 144 -19.15 -12.07 25.86
N ALA D 145 -20.00 -11.06 25.96
CA ALA D 145 -19.71 -9.82 26.69
C ALA D 145 -21.02 -9.36 27.33
N THR D 146 -20.93 -8.94 28.59
CA THR D 146 -22.09 -8.50 29.31
C THR D 146 -21.91 -7.11 29.93
N ILE D 147 -22.85 -6.21 29.66
CA ILE D 147 -22.78 -4.88 30.24
C ILE D 147 -24.00 -4.67 31.13
N GLU D 148 -23.78 -4.42 32.42
CA GLU D 148 -24.86 -4.18 33.38
C GLU D 148 -25.41 -2.77 33.27
N LYS D 149 -26.58 -2.54 33.87
CA LYS D 149 -27.24 -1.23 33.84
C LYS D 149 -26.38 -0.15 34.51
N ASN D 150 -25.71 -0.52 35.60
CA ASN D 150 -24.87 0.43 36.32
C ASN D 150 -23.64 0.84 35.54
N GLU D 151 -23.30 0.08 34.50
CA GLU D 151 -22.13 0.39 33.67
C GLU D 151 -22.45 1.48 32.66
N ILE D 152 -23.72 1.58 32.27
CA ILE D 152 -24.12 2.58 31.30
C ILE D 152 -23.66 4.00 31.65
N SER D 153 -23.90 4.42 32.89
CA SER D 153 -23.49 5.76 33.30
C SER D 153 -21.96 5.92 33.19
N ILE D 154 -21.23 4.88 33.54
CA ILE D 154 -19.78 4.92 33.46
C ILE D 154 -19.33 5.14 32.01
N LEU D 155 -19.94 4.39 31.10
CA LEU D 155 -19.62 4.47 29.68
C LEU D 155 -20.01 5.82 29.08
N GLN D 156 -21.23 6.29 29.38
CA GLN D 156 -21.72 7.56 28.85
C GLN D 156 -20.91 8.73 29.40
N ASN D 157 -20.57 8.67 30.67
CA ASN D 157 -19.76 9.73 31.26
C ASN D 157 -18.34 9.74 30.71
N LEU D 158 -17.76 8.56 30.49
CA LEU D 158 -16.39 8.47 29.96
C LEU D 158 -16.35 8.98 28.53
N ARG D 159 -17.40 8.70 27.75
CA ARG D 159 -17.44 9.21 26.38
C ARG D 159 -17.45 10.74 26.39
N LYS D 160 -18.31 11.32 27.20
CA LYS D 160 -18.41 12.76 27.28
C LYS D 160 -17.05 13.34 27.68
N TRP D 161 -16.39 12.68 28.61
CA TRP D 161 -15.08 13.11 29.07
C TRP D 161 -14.04 12.97 27.94
N ALA D 162 -14.11 11.86 27.20
CA ALA D 162 -13.20 11.61 26.08
C ALA D 162 -13.27 12.72 25.04
N ASN D 163 -14.47 13.16 24.70
CA ASN D 163 -14.64 14.22 23.72
C ASN D 163 -14.12 15.54 24.23
N GLN D 164 -14.30 15.77 25.53
CA GLN D 164 -13.83 17.00 26.12
C GLN D 164 -12.31 17.00 26.09
N TYR D 165 -11.74 15.85 26.44
CA TYR D 165 -10.29 15.67 26.49
C TYR D 165 -9.63 15.88 25.12
N PHE D 166 -10.16 15.19 24.11
CA PHE D 166 -9.61 15.28 22.77
C PHE D 166 -9.84 16.63 22.10
N SER D 167 -10.92 17.33 22.46
CA SER D 167 -11.23 18.62 21.85
C SER D 167 -10.48 19.77 22.50
N SER D 168 -10.00 19.57 23.72
CA SER D 168 -9.29 20.67 24.38
C SER D 168 -7.80 20.38 24.55
N TYR D 169 -7.39 19.16 24.24
CA TYR D 169 -5.98 18.80 24.33
C TYR D 169 -5.50 18.06 23.08
N SER D 170 -4.21 18.13 22.82
CA SER D 170 -3.68 17.44 21.66
C SER D 170 -3.73 15.92 21.89
N VAL D 171 -3.64 15.50 23.15
CA VAL D 171 -3.66 14.07 23.54
C VAL D 171 -2.37 13.40 23.08
N ILE D 172 -2.10 13.46 21.78
CA ILE D 172 -0.84 12.91 21.28
C ILE D 172 0.11 14.13 21.25
N SER D 173 0.77 14.43 22.37
CA SER D 173 1.69 15.57 22.50
C SER D 173 2.99 15.41 21.70
N SER D 174 3.69 16.53 21.48
CA SER D 174 4.91 16.60 20.70
C SER D 174 5.98 15.63 21.22
N ASP D 175 5.83 15.16 22.44
CA ASP D 175 6.83 14.23 22.91
C ASP D 175 6.52 12.78 22.50
N MET D 176 5.39 12.55 21.83
CA MET D 176 5.00 11.20 21.41
C MET D 176 5.23 10.88 19.93
N TYR D 177 5.92 11.77 19.24
CA TYR D 177 6.23 11.56 17.82
C TYR D 177 7.37 12.44 17.34
N THR D 178 7.93 12.12 16.17
CA THR D 178 9.05 12.89 15.65
C THR D 178 8.74 13.54 14.34
N ALA D 179 9.24 14.75 14.14
CA ALA D 179 9.02 15.46 12.88
C ALA D 179 9.65 14.70 11.70
N LEU D 180 8.88 14.58 10.63
CA LEU D 180 9.33 13.86 9.47
C LEU D 180 10.64 14.32 8.87
N ASN D 181 10.93 15.62 8.99
CA ASN D 181 12.16 16.15 8.44
C ASN D 181 13.36 15.90 9.32
N LYS D 182 13.12 15.26 10.46
CA LYS D 182 14.20 14.92 11.40
C LYS D 182 14.27 13.39 11.53
N ALA D 183 13.48 12.68 10.74
CA ALA D 183 13.42 11.20 10.79
C ALA D 183 14.76 10.50 10.60
N GLN D 184 15.54 11.04 9.68
CA GLN D 184 16.82 10.46 9.38
C GLN D 184 17.81 10.55 10.55
N ALA D 185 17.56 11.41 11.52
CA ALA D 185 18.47 11.58 12.67
C ALA D 185 18.21 10.54 13.79
N GLN D 186 17.07 9.85 13.71
CA GLN D 186 16.73 8.85 14.73
C GLN D 186 17.60 7.61 14.61
N LYS D 187 18.01 7.06 15.77
CA LYS D 187 18.83 5.85 15.83
C LYS D 187 18.00 4.62 15.52
N GLY D 188 16.74 4.63 15.95
CA GLY D 188 15.89 3.50 15.68
C GLY D 188 14.51 3.89 15.18
N ASP D 189 13.48 3.21 15.70
CA ASP D 189 12.13 3.50 15.26
C ASP D 189 11.61 4.74 15.96
N PHE D 190 10.50 5.27 15.44
CA PHE D 190 9.91 6.46 16.01
C PHE D 190 8.47 6.52 15.58
N ASP D 191 7.73 7.50 16.11
CA ASP D 191 6.33 7.69 15.76
C ASP D 191 6.16 8.94 14.93
N VAL D 192 5.03 9.00 14.23
CA VAL D 192 4.71 10.13 13.37
C VAL D 192 3.22 10.51 13.38
N VAL D 193 2.95 11.79 13.20
CA VAL D 193 1.60 12.30 13.11
C VAL D 193 1.55 13.09 11.80
N ALA D 194 0.78 12.61 10.83
CA ALA D 194 0.72 13.29 9.54
C ALA D 194 -0.63 13.12 8.87
N LYS D 195 -0.84 13.92 7.84
CA LYS D 195 -2.06 13.90 7.07
C LYS D 195 -1.85 12.98 5.87
N ILE D 196 -2.88 12.23 5.49
CA ILE D 196 -2.76 11.33 4.35
C ILE D 196 -3.12 12.19 3.15
N LEU D 197 -2.15 12.54 2.31
CA LEU D 197 -2.35 13.36 1.10
C LEU D 197 -2.83 12.50 -0.06
N GLN D 198 -2.57 11.21 0.01
CA GLN D 198 -2.97 10.32 -1.07
C GLN D 198 -2.78 8.84 -0.73
N VAL D 199 -3.68 8.02 -1.26
CA VAL D 199 -3.62 6.59 -1.05
C VAL D 199 -3.54 5.98 -2.43
N HIS D 200 -2.37 5.48 -2.78
CA HIS D 200 -2.12 4.89 -4.09
C HIS D 200 -2.14 3.37 -4.00
N GLU D 201 -3.01 2.78 -4.81
CA GLU D 201 -3.15 1.32 -4.83
C GLU D 201 -1.98 0.73 -5.61
N LEU D 202 -0.93 0.35 -4.89
CA LEU D 202 0.28 -0.18 -5.52
C LEU D 202 -0.03 -1.50 -6.23
N ASP D 203 -0.75 -2.38 -5.55
CA ASP D 203 -1.10 -3.66 -6.15
C ASP D 203 -2.31 -4.30 -5.47
N GLU D 204 -2.53 -5.58 -5.73
CA GLU D 204 -3.65 -6.31 -5.14
C GLU D 204 -3.74 -6.24 -3.59
N TYR D 205 -2.60 -6.29 -2.93
CA TYR D 205 -2.63 -6.31 -1.47
C TYR D 205 -1.99 -5.14 -0.76
N THR D 206 -1.55 -4.13 -1.50
CA THR D 206 -0.85 -3.04 -0.85
C THR D 206 -1.21 -1.62 -1.25
N ASN D 207 -1.35 -0.75 -0.27
CA ASN D 207 -1.60 0.65 -0.57
C ASN D 207 -0.29 1.40 -0.30
N GLU D 208 -0.06 2.47 -1.03
CA GLU D 208 1.09 3.30 -0.77
C GLU D 208 0.54 4.66 -0.27
N LEU D 209 0.84 4.99 0.98
CA LEU D 209 0.41 6.25 1.60
C LEU D 209 1.40 7.38 1.34
N LYS D 210 0.89 8.54 0.96
CA LYS D 210 1.74 9.69 0.75
C LYS D 210 1.39 10.54 1.95
N LEU D 211 2.36 10.79 2.83
CA LEU D 211 2.19 11.53 4.07
C LEU D 211 2.91 12.88 4.11
N LYS D 212 2.40 13.80 4.92
CA LYS D 212 3.04 15.08 5.09
C LYS D 212 2.64 15.56 6.48
N ASP D 213 3.63 15.89 7.31
CA ASP D 213 3.30 16.31 8.66
C ASP D 213 3.47 17.80 8.81
N ALA D 214 3.34 18.29 10.04
CA ALA D 214 3.46 19.71 10.32
C ALA D 214 4.78 20.32 9.87
N SER D 215 5.82 19.50 9.76
CA SER D 215 7.13 19.98 9.38
C SER D 215 7.22 20.23 7.87
N GLY D 216 6.16 19.86 7.16
CA GLY D 216 6.16 20.06 5.72
C GLY D 216 6.83 18.98 4.87
N GLN D 217 7.52 18.03 5.51
CA GLN D 217 8.19 16.95 4.78
C GLN D 217 7.21 15.92 4.27
N VAL D 218 7.49 15.37 3.08
CA VAL D 218 6.62 14.36 2.51
C VAL D 218 7.32 13.01 2.57
N PHE D 219 6.58 11.97 2.92
CA PHE D 219 7.14 10.61 2.98
C PHE D 219 6.12 9.63 2.44
N TYR D 220 6.62 8.52 1.92
CA TYR D 220 5.76 7.47 1.42
C TYR D 220 5.91 6.23 2.32
N THR D 221 4.85 5.43 2.42
CA THR D 221 4.95 4.21 3.20
C THR D 221 3.93 3.16 2.73
N LEU D 222 4.34 1.90 2.77
CA LEU D 222 3.45 0.82 2.35
C LEU D 222 2.48 0.46 3.47
N SER D 223 1.20 0.33 3.12
CA SER D 223 0.14 0.03 4.07
C SER D 223 -0.73 -1.09 3.48
N LEU D 224 -0.61 -2.28 4.06
CA LEU D 224 -1.39 -3.44 3.62
C LEU D 224 -2.88 -3.11 3.67
N LYS D 225 -3.61 -3.42 2.59
CA LYS D 225 -5.07 -3.19 2.51
C LYS D 225 -5.82 -3.90 3.62
N LEU D 226 -5.50 -5.16 3.86
CA LEU D 226 -6.18 -5.91 4.90
C LEU D 226 -5.92 -5.40 6.32
N LYS D 227 -4.68 -5.00 6.58
CA LYS D 227 -4.29 -4.55 7.91
C LYS D 227 -4.86 -3.21 8.29
N PHE D 228 -4.80 -2.24 7.38
CA PHE D 228 -5.29 -0.88 7.65
C PHE D 228 -6.28 -0.47 6.58
N PRO D 229 -7.50 -0.99 6.67
CA PRO D 229 -8.54 -0.67 5.69
C PRO D 229 -9.20 0.68 5.85
N HIS D 230 -8.90 1.35 6.96
CA HIS D 230 -9.48 2.65 7.30
C HIS D 230 -8.69 3.87 6.80
N VAL D 231 -7.58 3.65 6.10
CA VAL D 231 -6.79 4.79 5.61
C VAL D 231 -7.60 5.55 4.57
N ARG D 232 -7.68 6.87 4.72
CA ARG D 232 -8.44 7.72 3.79
C ARG D 232 -7.69 9.01 3.51
N THR D 233 -7.70 9.43 2.26
CA THR D 233 -7.06 10.68 1.86
C THR D 233 -7.70 11.87 2.59
N GLY D 234 -6.84 12.79 3.01
CA GLY D 234 -7.28 14.01 3.70
C GLY D 234 -7.44 13.86 5.20
N GLU D 235 -7.23 12.65 5.71
CA GLU D 235 -7.38 12.39 7.13
C GLU D 235 -6.04 12.38 7.84
N VAL D 236 -6.08 12.67 9.13
CA VAL D 236 -4.88 12.69 9.93
C VAL D 236 -4.71 11.37 10.69
N VAL D 237 -3.50 10.84 10.70
CA VAL D 237 -3.23 9.62 11.44
C VAL D 237 -1.91 9.66 12.25
N ARG D 238 -1.89 8.82 13.28
CA ARG D 238 -0.71 8.65 14.07
C ARG D 238 -0.17 7.29 13.65
N ILE D 239 1.12 7.23 13.37
CA ILE D 239 1.76 5.98 13.01
C ILE D 239 2.65 5.57 14.17
N ARG D 240 2.35 4.42 14.75
CA ARG D 240 3.11 3.85 15.85
C ARG D 240 4.21 2.94 15.31
N SER D 241 5.46 3.39 15.44
CA SER D 241 6.65 2.63 15.07
C SER D 241 6.99 2.57 13.62
N ALA D 242 7.77 3.55 13.21
CA ALA D 242 8.20 3.62 11.84
C ALA D 242 9.69 3.79 11.88
N THR D 243 10.34 3.41 10.80
CA THR D 243 11.79 3.60 10.64
C THR D 243 12.09 4.27 9.30
N TYR D 244 13.18 5.05 9.28
CA TYR D 244 13.66 5.76 8.09
C TYR D 244 14.39 4.74 7.19
N ASP D 245 14.01 4.71 5.92
CA ASP D 245 14.65 3.81 4.95
C ASP D 245 15.85 4.46 4.24
N GLU D 246 17.04 4.10 4.68
CA GLU D 246 18.24 4.65 4.08
C GLU D 246 18.56 4.09 2.71
N THR D 247 17.86 3.03 2.28
CA THR D 247 18.10 2.41 0.97
C THR D 247 17.24 3.08 -0.11
N SER D 248 16.31 3.93 0.32
CA SER D 248 15.48 4.64 -0.66
C SER D 248 16.10 5.96 -1.05
N THR D 249 16.53 6.01 -2.31
CA THR D 249 17.18 7.19 -2.86
C THR D 249 16.23 8.07 -3.67
N GLN D 250 15.37 7.44 -4.46
CA GLN D 250 14.44 8.20 -5.30
C GLN D 250 13.34 8.91 -4.53
N LYS D 251 13.03 8.43 -3.34
CA LYS D 251 11.98 9.06 -2.54
C LYS D 251 12.10 8.71 -1.07
N LYS D 252 11.49 9.56 -0.24
CA LYS D 252 11.49 9.41 1.21
C LYS D 252 10.52 8.33 1.61
N VAL D 253 11.05 7.26 2.18
CA VAL D 253 10.22 6.15 2.58
C VAL D 253 10.30 5.76 4.05
N LEU D 254 9.15 5.47 4.64
CA LEU D 254 9.10 4.99 6.02
C LEU D 254 8.80 3.48 5.97
N ILE D 255 9.52 2.72 6.78
CA ILE D 255 9.32 1.28 6.87
C ILE D 255 8.50 0.95 8.12
N LEU D 256 7.49 0.10 8.00
CA LEU D 256 6.66 -0.27 9.14
C LEU D 256 6.91 -1.74 9.45
N SER D 257 6.64 -2.17 10.68
CA SER D 257 6.84 -3.55 11.13
C SER D 257 5.50 -4.20 11.41
N HIS D 258 5.52 -5.52 11.63
CA HIS D 258 4.27 -6.20 11.88
C HIS D 258 3.56 -5.63 13.12
N TYR D 259 4.32 -5.06 14.07
CA TYR D 259 3.67 -4.51 15.25
C TYR D 259 3.29 -3.04 15.10
N SER D 260 3.71 -2.42 13.98
CA SER D 260 3.40 -1.02 13.73
C SER D 260 1.92 -0.84 13.57
N ASN D 261 1.42 0.37 13.82
CA ASN D 261 -0.02 0.63 13.72
C ASN D 261 -0.32 2.01 13.15
N ILE D 262 -1.43 2.14 12.44
CA ILE D 262 -1.84 3.43 11.86
C ILE D 262 -3.17 3.76 12.51
N ILE D 263 -3.21 4.83 13.30
CA ILE D 263 -4.39 5.18 14.08
C ILE D 263 -4.98 6.52 13.73
N THR D 264 -6.30 6.53 13.50
CA THR D 264 -7.00 7.78 13.22
C THR D 264 -7.44 8.37 14.57
N PHE D 265 -8.16 9.49 14.51
CA PHE D 265 -8.66 10.19 15.70
C PHE D 265 -10.17 10.34 15.72
N ILE D 266 -10.75 10.35 16.92
CA ILE D 266 -12.18 10.55 17.02
C ILE D 266 -12.48 11.97 16.51
N GLN D 267 -13.71 12.17 16.05
CA GLN D 267 -14.16 13.44 15.49
C GLN D 267 -13.81 14.69 16.28
N SER D 268 -13.92 14.63 17.60
CA SER D 268 -13.64 15.78 18.45
C SER D 268 -12.17 16.15 18.58
N SER D 269 -11.29 15.34 18.01
CA SER D 269 -9.85 15.60 18.13
C SER D 269 -9.40 16.97 17.68
N LYS D 270 -8.89 17.75 18.62
CA LYS D 270 -8.38 19.09 18.31
C LYS D 270 -7.13 18.99 17.42
N LEU D 271 -6.25 18.04 17.73
CA LEU D 271 -5.03 17.85 16.96
C LEU D 271 -5.30 17.53 15.48
N ALA D 272 -6.16 16.55 15.25
CA ALA D 272 -6.52 16.13 13.90
C ALA D 272 -7.20 17.26 13.14
N LYS D 273 -8.02 18.04 13.83
CA LYS D 273 -8.74 19.14 13.20
C LYS D 273 -7.74 20.22 12.74
N GLU D 274 -6.82 20.61 13.62
CA GLU D 274 -5.85 21.65 13.25
C GLU D 274 -4.90 21.17 12.13
N LEU D 275 -4.48 19.92 12.18
CA LEU D 275 -3.56 19.41 11.17
C LEU D 275 -4.25 19.21 9.83
N ARG D 276 -5.51 18.81 9.88
CA ARG D 276 -6.27 18.64 8.67
C ARG D 276 -6.33 19.99 7.88
N ALA D 277 -6.44 21.08 8.62
CA ALA D 277 -6.52 22.40 7.98
C ALA D 277 -5.15 23.03 7.68
N LYS D 278 -4.22 22.89 8.60
CA LYS D 278 -2.90 23.46 8.40
C LYS D 278 -2.08 22.80 7.30
N ILE D 279 -2.08 21.48 7.26
CA ILE D 279 -1.29 20.75 6.28
C ILE D 279 -1.98 20.72 4.92
N GLN D 280 -1.40 21.42 3.96
CA GLN D 280 -1.98 21.47 2.63
C GLN D 280 -1.25 20.62 1.62
N ASP D 281 -2.01 20.14 0.64
CA ASP D 281 -1.49 19.26 -0.39
C ASP D 281 -0.19 19.75 -1.00
N ASP D 282 0.70 18.81 -1.28
CA ASP D 282 2.01 19.14 -1.86
C ASP D 282 2.14 18.37 -3.16
N HIS D 283 2.56 19.07 -4.21
CA HIS D 283 2.75 18.47 -5.52
C HIS D 283 4.20 18.67 -5.99
N SER D 284 5.06 19.08 -5.09
CA SER D 284 6.46 19.33 -5.44
C SER D 284 7.12 18.04 -5.93
N VAL D 285 6.79 16.93 -5.28
CA VAL D 285 7.39 15.65 -5.67
C VAL D 285 6.97 15.30 -7.09
N GLU D 286 5.69 15.51 -7.39
CA GLU D 286 5.18 15.22 -8.72
C GLU D 286 5.79 16.13 -9.79
N VAL D 287 5.83 17.42 -9.53
CA VAL D 287 6.41 18.35 -10.49
C VAL D 287 7.87 18.05 -10.79
N ALA D 288 8.64 17.68 -9.78
CA ALA D 288 10.05 17.34 -9.98
C ALA D 288 10.21 16.05 -10.78
N SER D 289 9.37 15.06 -10.49
CA SER D 289 9.48 13.77 -11.16
C SER D 289 9.16 13.88 -12.64
N LEU D 290 8.39 14.90 -12.99
CA LEU D 290 8.03 15.07 -14.39
C LEU D 290 9.19 15.52 -15.25
N LYS D 291 10.35 15.76 -14.63
CA LYS D 291 11.52 16.18 -15.36
C LYS D 291 12.47 14.99 -15.57
N LYS D 292 12.12 13.85 -14.99
CA LYS D 292 12.94 12.66 -15.12
C LYS D 292 12.33 11.68 -16.12
N ASN D 293 13.19 10.93 -16.79
CA ASN D 293 12.73 9.94 -17.76
C ASN D 293 12.02 8.80 -17.07
N VAL D 294 12.42 8.52 -15.82
CA VAL D 294 11.82 7.45 -15.05
C VAL D 294 11.53 7.94 -13.63
N SER D 295 10.25 7.91 -13.27
CA SER D 295 9.80 8.35 -11.94
C SER D 295 9.35 7.20 -11.02
N LEU D 296 10.06 6.97 -9.93
CA LEU D 296 9.69 5.91 -9.01
C LEU D 296 8.54 6.40 -8.12
N ASN D 297 8.16 7.66 -8.28
CA ASN D 297 7.07 8.22 -7.52
C ASN D 297 5.82 8.23 -8.39
N ALA D 298 4.67 7.87 -7.81
CA ALA D 298 3.42 7.89 -8.55
C ALA D 298 2.96 9.34 -8.73
N VAL D 299 2.29 9.61 -9.85
CA VAL D 299 1.77 10.95 -10.12
C VAL D 299 0.31 10.84 -10.60
N VAL D 300 -0.64 11.34 -9.80
CA VAL D 300 -2.06 11.33 -10.19
C VAL D 300 -2.27 12.62 -10.98
N LEU D 301 -2.39 12.46 -12.29
CA LEU D 301 -2.49 13.57 -13.23
C LEU D 301 -3.80 14.34 -13.23
N THR D 302 -4.85 13.71 -12.73
CA THR D 302 -6.15 14.33 -12.76
C THR D 302 -6.86 14.56 -11.42
N GLU D 303 -7.87 15.40 -11.47
CA GLU D 303 -8.65 15.74 -10.30
C GLU D 303 -10.11 15.65 -10.69
N VAL D 304 -10.92 15.07 -9.82
CA VAL D 304 -12.34 14.91 -10.09
C VAL D 304 -13.08 16.08 -9.47
N ASP D 305 -14.23 16.43 -10.05
CA ASP D 305 -15.10 17.51 -9.58
C ASP D 305 -15.48 17.28 -8.11
N LYS D 306 -15.41 18.36 -7.32
CA LYS D 306 -15.72 18.31 -5.89
C LYS D 306 -16.94 17.48 -5.52
N LYS D 307 -17.98 17.52 -6.35
CA LYS D 307 -19.21 16.78 -6.05
C LYS D 307 -19.07 15.28 -6.08
N HIS D 308 -17.94 14.77 -6.55
CA HIS D 308 -17.71 13.33 -6.60
C HIS D 308 -16.64 12.87 -5.59
N ALA D 309 -16.02 13.83 -4.89
CA ALA D 309 -14.98 13.54 -3.91
C ALA D 309 -15.36 12.45 -2.94
N ALA D 310 -16.65 12.35 -2.64
CA ALA D 310 -17.16 11.37 -1.69
C ALA D 310 -17.61 10.07 -2.36
N LEU D 311 -17.63 10.06 -3.68
CA LEU D 311 -18.02 8.87 -4.41
C LEU D 311 -16.94 7.79 -4.34
N PRO D 312 -17.30 6.55 -3.96
CA PRO D 312 -16.35 5.45 -3.86
C PRO D 312 -15.86 5.01 -5.25
N SER D 313 -14.69 4.39 -5.29
CA SER D 313 -14.09 3.98 -6.54
C SER D 313 -14.36 2.53 -6.91
N THR D 314 -14.43 2.26 -8.20
CA THR D 314 -14.70 0.92 -8.68
C THR D 314 -13.55 0.49 -9.55
N SER D 315 -13.00 -0.69 -9.26
CA SER D 315 -11.86 -1.19 -10.02
C SER D 315 -12.21 -1.54 -11.47
N LEU D 316 -11.18 -1.62 -12.32
CA LEU D 316 -11.40 -1.97 -13.72
C LEU D 316 -11.92 -3.41 -13.80
N GLN D 317 -11.50 -4.24 -12.86
CA GLN D 317 -11.96 -5.61 -12.85
C GLN D 317 -13.50 -5.65 -12.74
N ASP D 318 -14.05 -4.88 -11.82
CA ASP D 318 -15.49 -4.87 -11.68
C ASP D 318 -16.18 -4.16 -12.82
N LEU D 319 -15.56 -3.07 -13.30
CA LEU D 319 -16.10 -2.24 -14.39
C LEU D 319 -16.25 -2.98 -15.72
N PHE D 320 -15.28 -3.81 -16.04
CA PHE D 320 -15.35 -4.49 -17.30
C PHE D 320 -15.66 -5.98 -17.27
N HIS D 321 -15.55 -6.59 -16.09
CA HIS D 321 -15.77 -8.03 -15.97
C HIS D 321 -16.98 -8.38 -15.14
N HIS D 322 -17.47 -7.46 -14.31
CA HIS D 322 -18.62 -7.80 -13.48
C HIS D 322 -19.77 -6.81 -13.60
N ALA D 323 -19.56 -5.71 -14.32
CA ALA D 323 -20.56 -4.65 -14.46
C ALA D 323 -21.86 -5.13 -15.04
N ASP D 324 -21.83 -6.25 -15.77
CA ASP D 324 -23.07 -6.81 -16.32
C ASP D 324 -23.58 -8.07 -15.61
N SER D 325 -23.11 -8.30 -14.39
CA SER D 325 -23.52 -9.47 -13.65
C SER D 325 -23.76 -9.16 -12.17
N ASP D 326 -23.07 -8.17 -11.64
CA ASP D 326 -23.22 -7.79 -10.24
C ASP D 326 -24.42 -6.88 -10.04
N LYS D 327 -25.25 -7.23 -9.07
CA LYS D 327 -26.44 -6.46 -8.76
C LYS D 327 -26.15 -4.98 -8.47
N GLU D 328 -25.21 -4.73 -7.56
CA GLU D 328 -24.87 -3.37 -7.18
C GLU D 328 -24.36 -2.51 -8.34
N LEU D 329 -23.46 -3.07 -9.14
CA LEU D 329 -22.88 -2.35 -10.27
C LEU D 329 -23.87 -2.08 -11.40
N GLN D 330 -24.89 -2.93 -11.53
CA GLN D 330 -25.89 -2.77 -12.59
C GLN D 330 -26.83 -1.60 -12.38
N ALA D 331 -27.08 -1.25 -11.11
CA ALA D 331 -27.96 -0.14 -10.79
C ALA D 331 -27.24 1.20 -10.84
N GLN D 332 -25.98 1.19 -11.22
CA GLN D 332 -25.21 2.42 -11.25
C GLN D 332 -24.79 2.75 -12.69
N ASP D 333 -24.80 4.03 -13.04
CA ASP D 333 -24.38 4.45 -14.38
C ASP D 333 -23.14 5.37 -14.33
N THR D 334 -22.89 5.93 -13.15
CA THR D 334 -21.75 6.82 -12.94
C THR D 334 -20.79 6.21 -11.92
N PHE D 335 -19.54 6.02 -12.32
CA PHE D 335 -18.56 5.43 -11.42
C PHE D 335 -17.30 6.27 -11.34
N ARG D 336 -16.51 5.99 -10.31
CA ARG D 336 -15.23 6.66 -10.13
C ARG D 336 -14.18 5.57 -10.15
N THR D 337 -13.08 5.75 -10.87
CA THR D 337 -12.09 4.67 -10.92
C THR D 337 -10.69 5.24 -11.08
N GLN D 338 -9.68 4.40 -10.96
CA GLN D 338 -8.31 4.85 -11.14
C GLN D 338 -7.63 3.90 -12.09
N PHE D 339 -6.71 4.41 -12.90
CA PHE D 339 -6.00 3.55 -13.84
C PHE D 339 -4.84 4.31 -14.47
N TYR D 340 -3.98 3.59 -15.20
CA TYR D 340 -2.91 4.24 -15.94
C TYR D 340 -3.16 3.94 -17.42
N VAL D 341 -2.77 4.88 -18.28
CA VAL D 341 -2.95 4.75 -19.72
C VAL D 341 -1.77 4.07 -20.39
N THR D 342 -2.06 2.98 -21.08
CA THR D 342 -0.99 2.26 -21.77
C THR D 342 -0.77 2.76 -23.20
N LYS D 343 -1.85 3.23 -23.80
CA LYS D 343 -1.84 3.74 -25.16
C LYS D 343 -3.07 4.62 -25.39
N ILE D 344 -2.95 5.55 -26.33
CA ILE D 344 -4.04 6.48 -26.65
C ILE D 344 -4.28 6.45 -28.15
N GLU D 345 -5.54 6.29 -28.53
CA GLU D 345 -5.94 6.25 -29.93
C GLU D 345 -6.97 7.34 -30.22
N PRO D 346 -6.87 7.97 -31.40
CA PRO D 346 -5.99 7.55 -32.50
C PRO D 346 -4.54 7.96 -32.15
N SER D 347 -3.58 7.20 -32.67
CA SER D 347 -2.16 7.45 -32.45
C SER D 347 -1.80 8.90 -32.72
N ASP D 348 -2.14 9.38 -33.90
CA ASP D 348 -1.84 10.76 -34.31
C ASP D 348 -2.65 11.72 -33.46
N VAL D 349 -1.96 12.50 -32.63
CA VAL D 349 -2.61 13.46 -31.74
C VAL D 349 -3.46 14.46 -32.50
N LYS D 350 -3.07 14.72 -33.75
CA LYS D 350 -3.78 15.67 -34.59
C LYS D 350 -5.22 15.24 -34.90
N GLU D 351 -5.45 13.93 -34.82
CA GLU D 351 -6.77 13.38 -35.09
C GLU D 351 -7.60 13.26 -33.80
N TRP D 352 -7.07 13.72 -32.67
CA TRP D 352 -7.83 13.61 -31.42
C TRP D 352 -9.12 14.41 -31.49
N VAL D 353 -9.10 15.50 -32.26
CA VAL D 353 -10.28 16.33 -32.41
C VAL D 353 -10.82 16.15 -33.82
N LYS D 354 -12.10 15.81 -33.91
CA LYS D 354 -12.79 15.57 -35.18
C LYS D 354 -13.96 16.53 -35.32
N GLY D 355 -14.47 16.62 -36.54
CA GLY D 355 -15.63 17.45 -36.79
C GLY D 355 -16.83 16.54 -36.60
N TYR D 356 -17.84 17.03 -35.89
CA TYR D 356 -19.03 16.24 -35.61
C TYR D 356 -20.31 16.83 -36.21
N ASP D 357 -21.08 15.96 -36.86
CA ASP D 357 -22.34 16.36 -37.46
C ASP D 357 -23.46 15.92 -36.53
N ARG D 358 -24.07 16.89 -35.84
CA ARG D 358 -25.15 16.65 -34.88
C ARG D 358 -26.35 15.88 -35.44
N LYS D 359 -26.63 16.08 -36.72
CA LYS D 359 -27.77 15.43 -37.36
C LYS D 359 -27.54 14.00 -37.81
N THR D 360 -26.40 13.71 -38.40
CA THR D 360 -26.12 12.36 -38.86
C THR D 360 -25.35 11.50 -37.85
N LYS D 361 -25.00 12.10 -36.72
CA LYS D 361 -24.27 11.42 -35.65
C LYS D 361 -22.95 10.84 -36.15
N LYS D 362 -22.29 11.53 -37.06
CA LYS D 362 -21.01 11.06 -37.61
C LYS D 362 -19.90 12.08 -37.41
N SER D 363 -18.68 11.59 -37.34
CA SER D 363 -17.53 12.46 -37.12
C SER D 363 -16.56 12.26 -38.30
N SER D 364 -15.71 13.24 -38.55
CA SER D 364 -14.76 13.13 -39.65
C SER D 364 -13.44 13.85 -39.33
N SER D 365 -12.37 13.49 -40.05
CA SER D 365 -11.06 14.12 -39.84
C SER D 365 -11.24 15.63 -39.84
N LEU D 366 -10.56 16.33 -38.92
CA LEU D 366 -10.79 17.75 -38.83
C LEU D 366 -10.33 18.50 -39.99
N LYS D 367 -10.45 17.85 -41.11
CA LYS D 367 -10.18 18.48 -42.33
C LYS D 367 -11.68 18.91 -42.69
N LYS D 372 -12.53 18.98 -41.62
CA LYS D 372 -13.99 19.41 -41.65
C LYS D 372 -15.11 19.01 -40.58
N GLY D 373 -15.72 20.01 -39.90
CA GLY D 373 -16.81 19.77 -38.91
C GLY D 373 -17.03 20.61 -37.61
N ASP D 374 -17.98 20.18 -36.75
CA ASP D 374 -18.26 20.85 -35.43
C ASP D 374 -17.22 20.21 -34.48
N ASN D 375 -16.25 20.98 -34.01
CA ASN D 375 -15.16 20.44 -33.19
C ASN D 375 -15.42 19.73 -31.83
N ILE D 376 -15.01 18.46 -31.76
CA ILE D 376 -15.16 17.73 -30.52
C ILE D 376 -13.97 16.78 -30.32
N PHE D 377 -13.79 16.33 -29.08
CA PHE D 377 -12.75 15.36 -28.81
C PHE D 377 -13.32 13.95 -28.98
N GLN D 378 -12.57 13.06 -29.65
CA GLN D 378 -12.95 11.66 -29.83
C GLN D 378 -11.69 10.84 -29.52
N VAL D 379 -11.36 10.71 -28.24
CA VAL D 379 -10.14 10.02 -27.81
C VAL D 379 -10.46 8.74 -27.10
N GLN D 380 -9.70 7.70 -27.40
CA GLN D 380 -9.91 6.38 -26.83
C GLN D 380 -8.67 5.93 -26.08
N PHE D 381 -8.78 5.93 -24.77
CA PHE D 381 -7.68 5.50 -23.94
C PHE D 381 -7.73 4.00 -23.72
N LEU D 382 -6.57 3.33 -23.75
CA LEU D 382 -6.46 1.89 -23.43
C LEU D 382 -5.79 1.87 -22.05
N VAL D 383 -6.51 1.42 -21.02
CA VAL D 383 -6.00 1.45 -19.66
C VAL D 383 -5.83 0.13 -18.96
N LYS D 384 -5.35 0.19 -17.72
CA LYS D 384 -5.11 -1.02 -16.94
C LYS D 384 -4.96 -0.54 -15.52
N ASP D 385 -5.08 -1.44 -14.54
CA ASP D 385 -4.94 -1.08 -13.12
C ASP D 385 -4.49 -2.24 -12.26
N ALA D 386 -4.34 -1.96 -10.97
CA ALA D 386 -3.92 -2.98 -10.00
C ALA D 386 -4.78 -4.25 -10.04
N SER D 387 -6.10 -4.08 -10.12
CA SER D 387 -7.00 -5.23 -10.15
C SER D 387 -6.85 -6.08 -11.41
N THR D 388 -6.22 -5.53 -12.46
CA THR D 388 -6.10 -6.25 -13.73
C THR D 388 -4.66 -6.29 -14.18
N GLN D 389 -3.77 -5.98 -13.24
CA GLN D 389 -2.33 -5.91 -13.47
C GLN D 389 -1.72 -7.10 -14.18
N LEU D 390 -2.06 -8.31 -13.76
CA LEU D 390 -1.48 -9.52 -14.34
C LEU D 390 -2.15 -10.09 -15.59
N ASN D 391 -3.41 -9.75 -15.84
CA ASN D 391 -4.07 -10.31 -17.01
C ASN D 391 -3.53 -9.79 -18.34
N ASN D 392 -3.98 -10.39 -19.42
CA ASN D 392 -3.47 -9.99 -20.71
C ASN D 392 -4.40 -9.00 -21.41
N ASN D 393 -5.12 -8.20 -20.63
CA ASN D 393 -6.03 -7.23 -21.22
C ASN D 393 -5.63 -5.77 -21.00
N THR D 394 -6.25 -4.93 -21.82
CA THR D 394 -6.15 -3.51 -21.75
C THR D 394 -7.60 -3.05 -21.96
N TYR D 395 -8.03 -1.99 -21.29
CA TYR D 395 -9.44 -1.60 -21.38
C TYR D 395 -9.70 -0.24 -22.01
N ARG D 396 -10.76 -0.18 -22.81
CA ARG D 396 -11.08 1.08 -23.46
C ARG D 396 -11.89 1.98 -22.58
N VAL D 397 -11.42 3.22 -22.42
CA VAL D 397 -12.11 4.29 -21.67
C VAL D 397 -12.15 5.46 -22.68
N LEU D 398 -13.36 5.98 -22.96
CA LEU D 398 -13.56 7.03 -23.97
C LEU D 398 -13.66 8.46 -23.45
N LEU D 399 -13.26 9.39 -24.30
CA LEU D 399 -13.37 10.79 -23.98
C LEU D 399 -14.05 11.35 -25.24
N TYR D 400 -15.37 11.18 -25.35
CA TYR D 400 -16.13 11.64 -26.52
C TYR D 400 -16.92 12.79 -25.94
N THR D 401 -16.51 14.01 -26.28
CA THR D 401 -17.09 15.23 -25.73
C THR D 401 -18.20 15.91 -26.51
N GLN D 402 -18.72 15.24 -27.53
CA GLN D 402 -19.76 15.84 -28.36
C GLN D 402 -20.94 16.32 -27.57
N ASP D 403 -21.26 15.65 -26.45
CA ASP D 403 -22.39 15.99 -25.58
C ASP D 403 -21.98 16.76 -24.33
N GLY D 404 -20.72 17.17 -24.30
CA GLY D 404 -20.22 17.94 -23.18
C GLY D 404 -19.42 17.17 -22.13
N LEU D 405 -19.56 15.85 -22.10
CA LEU D 405 -18.86 15.05 -21.11
C LEU D 405 -17.36 15.06 -21.31
N GLY D 406 -16.62 15.59 -20.34
CA GLY D 406 -15.17 15.63 -20.44
C GLY D 406 -14.60 16.67 -21.39
N ALA D 407 -15.40 17.66 -21.76
CA ALA D 407 -14.99 18.72 -22.70
C ALA D 407 -13.75 19.48 -22.25
N ASN D 408 -13.53 19.57 -20.95
CA ASN D 408 -12.40 20.32 -20.41
C ASN D 408 -11.32 19.45 -19.79
N PHE D 409 -11.35 18.16 -20.13
CA PHE D 409 -10.39 17.21 -19.59
C PHE D 409 -8.93 17.66 -19.78
N PHE D 410 -8.55 18.00 -21.01
CA PHE D 410 -7.17 18.42 -21.34
C PHE D 410 -6.85 19.88 -21.02
N ASN D 411 -7.83 20.60 -20.48
CA ASN D 411 -7.65 22.02 -20.22
C ASN D 411 -7.35 22.73 -21.55
N VAL D 412 -7.89 22.17 -22.63
CA VAL D 412 -7.72 22.72 -23.97
C VAL D 412 -9.04 22.51 -24.68
N LYS D 413 -9.67 23.60 -25.12
CA LYS D 413 -10.94 23.49 -25.82
C LYS D 413 -10.68 22.88 -27.20
N ALA D 414 -11.65 22.11 -27.68
CA ALA D 414 -11.53 21.44 -28.97
C ALA D 414 -11.25 22.47 -30.08
N ASP D 415 -10.32 22.11 -30.97
CA ASP D 415 -9.96 22.98 -32.09
C ASP D 415 -9.24 22.12 -33.13
N ASN D 416 -9.21 22.60 -34.37
CA ASN D 416 -8.54 21.90 -35.46
C ASN D 416 -7.05 21.82 -35.08
N LEU D 417 -6.61 20.64 -34.67
CA LEU D 417 -5.23 20.45 -34.28
C LEU D 417 -4.27 20.48 -35.46
N HIS D 418 -4.80 20.46 -36.68
CA HIS D 418 -3.98 20.54 -37.88
C HIS D 418 -3.56 22.02 -38.10
N LYS D 419 -4.34 22.96 -37.59
CA LYS D 419 -4.05 24.39 -37.78
C LYS D 419 -3.57 25.11 -36.53
N ASN D 420 -4.17 24.76 -35.39
CA ASN D 420 -3.83 25.42 -34.13
C ASN D 420 -2.63 24.71 -33.51
N ALA D 421 -1.45 25.25 -33.77
CA ALA D 421 -0.20 24.70 -33.25
C ALA D 421 -0.15 24.73 -31.73
N ASP D 422 -0.75 25.74 -31.13
CA ASP D 422 -0.69 25.83 -29.69
C ASP D 422 -1.41 24.69 -29.00
N ALA D 423 -2.60 24.40 -29.48
CA ALA D 423 -3.41 23.35 -28.92
C ALA D 423 -2.76 22.00 -29.19
N ARG D 424 -2.25 21.81 -30.41
CA ARG D 424 -1.63 20.53 -30.75
C ARG D 424 -0.47 20.21 -29.81
N LYS D 425 0.37 21.21 -29.58
CA LYS D 425 1.50 21.02 -28.70
C LYS D 425 1.14 20.65 -27.26
N LYS D 426 0.14 21.33 -26.71
CA LYS D 426 -0.27 21.04 -25.34
C LYS D 426 -0.86 19.64 -25.22
N LEU D 427 -1.58 19.20 -26.26
CA LEU D 427 -2.16 17.86 -26.28
C LEU D 427 -1.07 16.81 -26.45
N GLU D 428 -0.09 17.10 -27.30
CA GLU D 428 1.02 16.16 -27.46
C GLU D 428 1.77 16.00 -26.14
N ASP D 429 2.02 17.10 -25.42
CA ASP D 429 2.72 17.02 -24.13
C ASP D 429 1.89 16.22 -23.14
N SER D 430 0.57 16.40 -23.17
CA SER D 430 -0.29 15.65 -22.26
C SER D 430 -0.25 14.18 -22.62
N ALA D 431 -0.17 13.86 -23.91
CA ALA D 431 -0.12 12.47 -24.34
C ALA D 431 1.07 11.74 -23.73
N GLU D 432 2.24 12.35 -23.83
CA GLU D 432 3.44 11.74 -23.30
C GLU D 432 3.35 11.56 -21.80
N LEU D 433 2.79 12.55 -21.13
CA LEU D 433 2.60 12.45 -19.68
C LEU D 433 1.67 11.30 -19.27
N LEU D 434 0.53 11.17 -19.96
CA LEU D 434 -0.42 10.11 -19.66
C LEU D 434 0.10 8.69 -19.87
N THR D 435 0.91 8.49 -20.92
CA THR D 435 1.43 7.16 -21.23
C THR D 435 2.73 6.85 -20.52
N LYS D 436 3.22 7.84 -19.76
CA LYS D 436 4.47 7.68 -19.03
C LYS D 436 4.31 6.76 -17.81
N PHE D 437 5.33 5.94 -17.58
CA PHE D 437 5.30 5.05 -16.43
C PHE D 437 5.06 5.78 -15.11
N ASN D 438 4.19 5.19 -14.29
CA ASN D 438 3.83 5.70 -12.96
C ASN D 438 2.91 6.92 -13.01
N SER D 439 2.38 7.23 -14.20
CA SER D 439 1.36 8.26 -14.30
C SER D 439 -0.01 7.55 -14.13
N TYR D 440 -0.93 8.14 -13.37
CA TYR D 440 -2.25 7.56 -13.18
C TYR D 440 -3.34 8.61 -13.36
N VAL D 441 -4.55 8.12 -13.60
CA VAL D 441 -5.69 8.98 -13.81
C VAL D 441 -6.74 8.66 -12.75
N ASP D 442 -7.32 9.70 -12.17
CA ASP D 442 -8.40 9.52 -11.20
C ASP D 442 -9.58 10.18 -11.94
N ALA D 443 -10.60 9.41 -12.31
CA ALA D 443 -11.71 9.99 -13.07
C ALA D 443 -13.07 9.39 -12.76
N VAL D 444 -14.10 10.12 -13.18
CA VAL D 444 -15.48 9.69 -13.06
C VAL D 444 -15.89 9.32 -14.49
N VAL D 445 -16.70 8.27 -14.64
CA VAL D 445 -17.18 7.80 -15.94
C VAL D 445 -18.68 7.55 -15.95
N GLU D 446 -19.28 7.63 -17.14
CA GLU D 446 -20.69 7.41 -17.30
C GLU D 446 -20.80 6.30 -18.33
N ARG D 447 -21.55 5.27 -17.97
CA ARG D 447 -21.73 4.13 -18.85
C ARG D 447 -22.79 4.40 -19.91
N ARG D 448 -22.47 4.21 -21.18
CA ARG D 448 -23.44 4.42 -22.28
C ARG D 448 -23.20 3.33 -23.29
N ASN D 449 -24.27 2.60 -23.62
CA ASN D 449 -24.26 1.52 -24.61
C ASN D 449 -23.02 0.64 -24.49
N GLY D 450 -22.74 0.17 -23.28
CA GLY D 450 -21.61 -0.70 -23.05
C GLY D 450 -20.23 -0.07 -22.95
N PHE D 451 -20.16 1.26 -22.98
CA PHE D 451 -18.87 1.92 -22.89
C PHE D 451 -18.82 2.95 -21.77
N TYR D 452 -17.62 3.25 -21.28
CA TYR D 452 -17.52 4.26 -20.24
C TYR D 452 -16.90 5.54 -20.81
N LEU D 453 -17.57 6.66 -20.60
CA LEU D 453 -17.11 7.96 -21.08
C LEU D 453 -16.65 8.80 -19.89
N ILE D 454 -15.49 9.43 -20.01
CA ILE D 454 -14.98 10.27 -18.94
C ILE D 454 -15.79 11.56 -18.82
N LYS D 455 -16.06 11.99 -17.59
CA LYS D 455 -16.77 13.24 -17.36
C LYS D 455 -16.35 13.87 -16.02
N ASP D 456 -16.63 15.17 -15.88
CA ASP D 456 -16.33 15.90 -14.65
C ASP D 456 -14.94 15.57 -14.11
N THR D 457 -13.98 15.45 -15.03
CA THR D 457 -12.60 15.11 -14.72
C THR D 457 -11.67 16.00 -15.58
N LYS D 458 -10.57 16.46 -14.98
CA LYS D 458 -9.62 17.26 -15.72
C LYS D 458 -8.19 17.12 -15.22
N LEU D 459 -7.27 17.33 -16.15
CA LEU D 459 -5.85 17.26 -15.86
C LEU D 459 -5.52 18.41 -14.90
N ILE D 460 -4.50 18.19 -14.05
CA ILE D 460 -4.04 19.24 -13.13
C ILE D 460 -2.55 19.52 -13.41
N TYR D 461 -1.98 18.93 -14.46
CA TYR D 461 -0.59 19.18 -14.89
C TYR D 461 -0.60 19.56 -16.38
N PRO E 1 20.83 9.02 -4.28
CA PRO E 1 22.32 9.04 -4.29
C PRO E 1 22.93 7.63 -4.19
N GLN E 2 23.82 7.44 -3.22
CA GLN E 2 24.49 6.16 -3.02
C GLN E 2 23.53 5.11 -2.44
N GLN E 3 23.53 3.92 -3.04
CA GLN E 3 22.68 2.84 -2.59
C GLN E 3 23.42 2.01 -1.55
N GLN E 4 22.92 2.01 -0.32
CA GLN E 4 23.55 1.27 0.77
C GLN E 4 23.39 -0.25 0.61
N SER E 5 22.21 -0.69 0.18
CA SER E 5 21.94 -2.11 0.01
C SER E 5 22.55 -2.70 -1.25
N ALA E 6 23.47 -3.64 -1.06
CA ALA E 6 24.13 -4.27 -2.18
C ALA E 6 23.13 -5.09 -3.01
N PHE E 7 22.24 -5.80 -2.33
CA PHE E 7 21.23 -6.61 -3.00
C PHE E 7 20.27 -5.76 -3.79
N LYS E 8 19.82 -4.67 -3.19
CA LYS E 8 18.89 -3.77 -3.87
C LYS E 8 19.49 -3.19 -5.15
N GLN E 9 20.75 -2.78 -5.06
CA GLN E 9 21.45 -2.23 -6.21
C GLN E 9 21.64 -3.30 -7.29
N LEU E 10 22.06 -4.49 -6.87
CA LEU E 10 22.28 -5.61 -7.78
C LEU E 10 21.01 -6.02 -8.52
N TYR E 11 19.96 -6.31 -7.76
CA TYR E 11 18.68 -6.72 -8.33
C TYR E 11 18.01 -5.62 -9.18
N THR E 12 18.16 -4.38 -8.75
CA THR E 12 17.57 -3.25 -9.49
C THR E 12 18.25 -3.08 -10.85
N GLU E 13 19.57 -3.27 -10.87
CA GLU E 13 20.31 -3.16 -12.13
C GLU E 13 19.99 -4.32 -13.06
N LEU E 14 19.68 -5.48 -12.49
CA LEU E 14 19.34 -6.63 -13.30
C LEU E 14 18.03 -6.36 -14.04
N PHE E 15 17.04 -5.81 -13.33
CA PHE E 15 15.75 -5.52 -13.95
C PHE E 15 15.83 -4.36 -14.93
N ASN E 16 16.69 -3.39 -14.64
CA ASN E 16 16.83 -2.22 -15.51
C ASN E 16 17.69 -2.54 -16.72
N ASN E 17 18.12 -3.79 -16.83
CA ASN E 17 18.93 -4.23 -17.96
C ASN E 17 18.33 -5.50 -18.55
N GLU E 18 17.00 -5.54 -18.58
CA GLU E 18 16.25 -6.68 -19.10
C GLU E 18 16.80 -8.06 -18.75
N GLY E 19 17.00 -8.31 -17.46
CA GLY E 19 17.47 -9.60 -17.01
C GLY E 19 18.81 -10.05 -17.57
N ASP E 20 19.56 -9.15 -18.18
CA ASP E 20 20.86 -9.52 -18.74
C ASP E 20 21.94 -9.29 -17.69
N PHE E 21 22.42 -10.37 -17.09
CA PHE E 21 23.46 -10.27 -16.07
C PHE E 21 24.82 -9.78 -16.57
N SER E 22 25.03 -9.82 -17.89
CA SER E 22 26.30 -9.37 -18.45
C SER E 22 26.31 -7.85 -18.60
N LYS E 23 25.14 -7.24 -18.54
CA LYS E 23 25.05 -5.79 -18.66
C LYS E 23 25.15 -5.07 -17.34
N VAL E 24 25.09 -5.82 -16.24
CA VAL E 24 25.18 -5.20 -14.91
C VAL E 24 26.62 -4.84 -14.60
N SER E 25 26.81 -3.71 -13.92
CA SER E 25 28.15 -3.23 -13.57
C SER E 25 29.07 -4.34 -13.08
N SER E 26 30.30 -4.33 -13.61
CA SER E 26 31.29 -5.32 -13.26
C SER E 26 31.84 -5.08 -11.85
N ASN E 27 31.83 -3.83 -11.43
CA ASN E 27 32.32 -3.47 -10.10
C ASN E 27 31.38 -3.94 -8.99
N LEU E 28 30.37 -4.71 -9.37
CA LEU E 28 29.39 -5.21 -8.41
C LEU E 28 29.44 -6.73 -8.36
N LYS E 29 30.24 -7.33 -9.23
CA LYS E 29 30.36 -8.78 -9.27
C LYS E 29 31.49 -9.28 -8.37
N LYS E 30 31.62 -8.68 -7.20
CA LYS E 30 32.65 -9.08 -6.26
C LYS E 30 32.05 -10.00 -5.19
N PRO E 31 32.88 -10.73 -4.45
CA PRO E 31 32.40 -11.65 -3.41
C PRO E 31 31.37 -11.00 -2.49
N LEU E 32 30.29 -11.72 -2.19
CA LEU E 32 29.24 -11.22 -1.31
C LEU E 32 29.35 -11.72 0.13
N LYS E 33 29.54 -10.79 1.05
CA LYS E 33 29.64 -11.11 2.48
C LYS E 33 28.25 -10.84 3.08
N CYS E 34 27.54 -11.90 3.40
CA CYS E 34 26.20 -11.75 3.96
C CYS E 34 25.83 -12.63 5.15
N TYR E 35 25.06 -12.04 6.06
CA TYR E 35 24.61 -12.71 7.27
C TYR E 35 23.42 -13.64 6.99
N VAL E 36 23.42 -14.81 7.61
CA VAL E 36 22.33 -15.76 7.42
C VAL E 36 21.23 -15.57 8.46
N LYS E 37 20.07 -15.12 8.00
CA LYS E 37 18.93 -14.87 8.89
C LYS E 37 18.20 -16.15 9.22
N GLU E 38 17.99 -16.97 8.20
CA GLU E 38 17.29 -18.25 8.37
C GLU E 38 17.96 -19.32 7.53
N SER E 39 17.76 -20.59 7.89
CA SER E 39 18.37 -21.69 7.16
C SER E 39 17.34 -22.76 6.81
N TYR E 40 16.25 -22.79 7.57
CA TYR E 40 15.19 -23.76 7.32
C TYR E 40 13.94 -23.27 8.05
N PRO E 41 12.74 -23.42 7.40
CA PRO E 41 12.52 -24.11 6.12
C PRO E 41 12.96 -23.27 4.90
N HIS E 42 13.31 -22.02 5.14
CA HIS E 42 13.75 -21.13 4.06
C HIS E 42 15.12 -20.55 4.37
N PHE E 43 16.05 -20.71 3.44
CA PHE E 43 17.41 -20.18 3.61
C PHE E 43 17.39 -18.74 3.14
N LEU E 44 17.54 -17.81 4.07
CA LEU E 44 17.53 -16.39 3.76
C LEU E 44 18.77 -15.68 4.30
N VAL E 45 19.43 -14.91 3.45
CA VAL E 45 20.63 -14.17 3.84
C VAL E 45 20.37 -12.68 3.68
N THR E 46 21.05 -11.87 4.50
CA THR E 46 20.88 -10.42 4.43
C THR E 46 22.16 -9.71 4.03
N ASP E 47 22.03 -8.45 3.64
CA ASP E 47 23.20 -7.68 3.26
C ASP E 47 23.26 -6.47 4.17
N GLY E 48 22.56 -6.55 5.29
CA GLY E 48 22.53 -5.43 6.21
C GLY E 48 21.29 -4.55 6.05
N TYR E 49 20.44 -4.87 5.09
CA TYR E 49 19.23 -4.07 4.84
C TYR E 49 18.06 -4.93 4.37
N PHE E 50 18.33 -5.85 3.45
CA PHE E 50 17.26 -6.73 2.95
C PHE E 50 17.71 -8.18 3.00
N PHE E 51 16.76 -9.09 2.86
CA PHE E 51 17.09 -10.51 2.82
C PHE E 51 16.63 -11.09 1.49
N VAL E 52 17.43 -12.00 0.94
CA VAL E 52 17.12 -12.68 -0.31
C VAL E 52 17.38 -14.17 -0.15
N ALA E 53 16.74 -14.98 -1.00
CA ALA E 53 16.90 -16.43 -0.95
C ALA E 53 17.93 -16.90 -1.99
N PRO E 54 19.07 -17.41 -1.52
CA PRO E 54 20.10 -17.88 -2.44
C PRO E 54 19.74 -19.26 -2.98
N TYR E 55 20.04 -19.50 -4.25
CA TYR E 55 19.77 -20.78 -4.85
C TYR E 55 21.08 -21.51 -5.18
N PHE E 56 21.39 -22.52 -4.37
CA PHE E 56 22.63 -23.29 -4.54
C PHE E 56 22.52 -24.38 -5.61
N THR E 57 23.56 -24.48 -6.42
CA THR E 57 23.63 -25.51 -7.45
C THR E 57 24.10 -26.80 -6.79
N LYS E 58 23.86 -27.94 -7.42
CA LYS E 58 24.28 -29.22 -6.85
C LYS E 58 25.81 -29.25 -6.71
N GLU E 59 26.49 -28.50 -7.57
CA GLU E 59 27.96 -28.45 -7.52
C GLU E 59 28.42 -27.64 -6.32
N ALA E 60 27.70 -26.55 -6.05
CA ALA E 60 28.02 -25.66 -4.94
C ALA E 60 27.97 -26.36 -3.57
N VAL E 61 27.00 -27.25 -3.39
CA VAL E 61 26.85 -27.95 -2.12
C VAL E 61 27.85 -29.10 -1.96
N ASN E 62 28.15 -29.79 -3.05
CA ASN E 62 29.12 -30.89 -3.01
C ASN E 62 30.50 -30.34 -2.73
N GLU E 63 30.81 -29.20 -3.35
CA GLU E 63 32.11 -28.56 -3.17
C GLU E 63 32.20 -28.06 -1.72
N PHE E 64 31.05 -27.69 -1.18
CA PHE E 64 30.95 -27.19 0.18
C PHE E 64 31.22 -28.33 1.16
N HIS E 65 30.43 -29.40 1.03
CA HIS E 65 30.54 -30.58 1.87
C HIS E 65 31.91 -31.26 1.80
N ALA E 66 32.79 -30.74 0.94
CA ALA E 66 34.12 -31.30 0.79
C ALA E 66 35.16 -30.44 1.50
N LYS E 67 35.16 -29.14 1.20
CA LYS E 67 36.11 -28.25 1.83
C LYS E 67 35.74 -27.92 3.26
N PHE E 68 34.49 -28.22 3.63
CA PHE E 68 34.01 -27.96 4.99
C PHE E 68 33.18 -29.13 5.48
N PRO E 69 33.85 -30.22 5.90
CA PRO E 69 33.18 -31.43 6.40
C PRO E 69 32.41 -31.24 7.69
N ASN E 70 31.30 -31.96 7.81
CA ASN E 70 30.46 -31.94 9.00
C ASN E 70 29.74 -30.60 9.29
N VAL E 71 30.19 -29.52 8.65
CA VAL E 71 29.56 -28.22 8.87
C VAL E 71 28.30 -28.13 8.00
N ASN E 72 27.17 -28.53 8.57
CA ASN E 72 25.89 -28.52 7.86
C ASN E 72 25.41 -27.14 7.45
N ILE E 73 24.78 -27.08 6.27
CA ILE E 73 24.27 -25.83 5.71
C ILE E 73 22.96 -25.39 6.34
N VAL E 74 22.08 -26.36 6.58
CA VAL E 74 20.79 -26.08 7.19
C VAL E 74 20.89 -25.66 8.66
N ASP E 75 22.12 -25.43 9.13
CA ASP E 75 22.33 -25.02 10.52
C ASP E 75 23.19 -23.76 10.56
N LEU E 76 23.31 -23.09 9.43
CA LEU E 76 24.11 -21.88 9.34
C LEU E 76 23.39 -20.63 9.83
N THR E 77 22.24 -20.80 10.46
CA THR E 77 21.50 -19.66 10.98
C THR E 77 22.30 -18.83 11.96
N ASP E 78 22.22 -17.52 11.81
CA ASP E 78 22.90 -16.56 12.67
C ASP E 78 24.42 -16.57 12.48
N LYS E 79 24.87 -17.12 11.36
CA LYS E 79 26.29 -17.15 11.05
C LYS E 79 26.47 -16.59 9.64
N VAL E 80 27.67 -16.10 9.34
CA VAL E 80 27.92 -15.50 8.03
C VAL E 80 28.50 -16.47 7.00
N ILE E 81 28.30 -16.15 5.72
CA ILE E 81 28.81 -16.96 4.62
C ILE E 81 29.36 -16.00 3.57
N VAL E 82 30.34 -16.47 2.80
CA VAL E 82 30.92 -15.64 1.75
C VAL E 82 30.76 -16.31 0.40
N ILE E 83 29.94 -15.70 -0.46
CA ILE E 83 29.70 -16.24 -1.79
C ILE E 83 30.74 -15.68 -2.75
N ASN E 84 31.69 -16.53 -3.16
CA ASN E 84 32.75 -16.13 -4.08
C ASN E 84 32.35 -16.15 -5.54
N ASN E 85 31.59 -17.17 -5.92
CA ASN E 85 31.15 -17.31 -7.29
C ASN E 85 29.63 -17.37 -7.37
N TRP E 86 29.03 -16.33 -7.95
CA TRP E 86 27.58 -16.26 -8.07
C TRP E 86 27.13 -15.57 -9.34
N SER E 87 25.86 -15.77 -9.70
CA SER E 87 25.26 -15.15 -10.87
C SER E 87 23.79 -14.82 -10.59
N LEU E 88 23.23 -13.87 -11.36
CA LEU E 88 21.83 -13.48 -11.19
C LEU E 88 21.00 -13.83 -12.42
N GLU E 89 19.84 -14.45 -12.21
CA GLU E 89 18.93 -14.82 -13.29
C GLU E 89 17.54 -14.30 -13.00
N LEU E 90 16.76 -14.14 -14.07
CA LEU E 90 15.38 -13.66 -13.97
C LEU E 90 14.49 -14.86 -14.29
N ARG E 91 13.50 -15.09 -13.42
CA ARG E 91 12.59 -16.21 -13.60
C ARG E 91 11.11 -15.85 -13.46
N ARG E 92 10.27 -16.55 -14.22
CA ARG E 92 8.84 -16.32 -14.14
C ARG E 92 8.30 -17.30 -13.12
N VAL E 93 7.65 -16.80 -12.07
CA VAL E 93 7.13 -17.68 -11.03
C VAL E 93 5.74 -17.27 -10.61
N ASN E 94 5.21 -17.99 -9.63
CA ASN E 94 3.89 -17.72 -9.09
C ASN E 94 4.10 -17.00 -7.76
N SER E 95 4.01 -15.68 -7.78
CA SER E 95 4.19 -14.86 -6.59
C SER E 95 3.26 -15.23 -5.46
N ALA E 96 2.12 -15.84 -5.80
CA ALA E 96 1.19 -16.23 -4.75
C ALA E 96 1.74 -17.38 -3.93
N GLU E 97 2.76 -18.04 -4.47
CA GLU E 97 3.39 -19.18 -3.79
C GLU E 97 4.83 -18.92 -3.39
N VAL E 98 5.48 -17.98 -4.07
CA VAL E 98 6.87 -17.63 -3.76
C VAL E 98 6.92 -16.21 -3.19
N PHE E 99 7.19 -16.09 -1.89
CA PHE E 99 7.21 -14.78 -1.26
C PHE E 99 8.44 -13.94 -1.60
N THR E 100 9.45 -14.59 -2.15
CA THR E 100 10.67 -13.90 -2.56
C THR E 100 10.54 -13.47 -4.02
N SER E 101 9.36 -12.98 -4.37
CA SER E 101 9.15 -12.52 -5.73
C SER E 101 8.04 -11.48 -5.74
N TYR E 102 7.75 -10.95 -6.92
CA TYR E 102 6.68 -9.97 -7.03
C TYR E 102 6.15 -9.92 -8.45
N ALA E 103 4.84 -9.80 -8.58
CA ALA E 103 4.24 -9.71 -9.91
C ALA E 103 4.67 -10.87 -10.82
N ASN E 104 4.75 -12.06 -10.24
CA ASN E 104 5.12 -13.28 -10.94
C ASN E 104 6.50 -13.20 -11.60
N LEU E 105 7.34 -12.34 -11.03
CA LEU E 105 8.71 -12.19 -11.50
C LEU E 105 9.68 -12.30 -10.33
N GLU E 106 10.77 -13.02 -10.54
CA GLU E 106 11.77 -13.17 -9.51
C GLU E 106 13.18 -13.05 -10.04
N ALA E 107 14.02 -12.38 -9.27
CA ALA E 107 15.43 -12.25 -9.60
C ALA E 107 16.13 -13.22 -8.62
N ARG E 108 16.75 -14.27 -9.15
CA ARG E 108 17.43 -15.28 -8.32
C ARG E 108 18.95 -15.11 -8.22
N LEU E 109 19.45 -15.33 -7.01
CA LEU E 109 20.87 -15.24 -6.72
C LEU E 109 21.43 -16.66 -6.81
N ILE E 110 21.98 -17.01 -7.96
CA ILE E 110 22.52 -18.35 -8.15
C ILE E 110 23.89 -18.44 -7.49
N VAL E 111 24.01 -19.34 -6.51
CA VAL E 111 25.29 -19.53 -5.81
C VAL E 111 26.06 -20.74 -6.32
N HIS E 112 27.32 -20.51 -6.70
CA HIS E 112 28.18 -21.57 -7.21
C HIS E 112 29.20 -22.00 -6.18
N SER E 113 29.60 -21.08 -5.30
CA SER E 113 30.58 -21.38 -4.26
C SER E 113 30.47 -20.42 -3.09
N PHE E 114 30.41 -20.96 -1.87
CA PHE E 114 30.32 -20.16 -0.66
C PHE E 114 31.03 -20.81 0.53
N LYS E 115 31.69 -19.99 1.35
CA LYS E 115 32.42 -20.47 2.53
C LYS E 115 31.87 -19.82 3.80
N PRO E 116 31.76 -20.61 4.89
CA PRO E 116 31.25 -20.10 6.17
C PRO E 116 32.34 -19.52 7.06
N ASN E 117 32.01 -18.42 7.74
CA ASN E 117 32.95 -17.79 8.67
C ASN E 117 32.28 -17.76 10.03
N LEU E 118 32.50 -18.80 10.82
CA LEU E 118 31.92 -18.91 12.16
C LEU E 118 32.70 -18.10 13.18
N GLN E 119 33.71 -17.38 12.69
CA GLN E 119 34.57 -16.57 13.54
C GLN E 119 33.90 -15.39 14.24
N GLU E 120 32.95 -15.70 15.13
CA GLU E 120 32.25 -14.67 15.89
C GLU E 120 31.95 -13.45 15.01
N ARG E 121 31.40 -13.72 13.83
CA ARG E 121 31.07 -12.66 12.89
C ARG E 121 29.86 -11.85 13.34
N LEU E 122 30.07 -10.55 13.53
CA LEU E 122 29.03 -9.65 13.99
C LEU E 122 28.68 -8.59 12.94
N ASN E 123 27.91 -7.58 13.37
CA ASN E 123 27.47 -6.45 12.53
C ASN E 123 26.09 -5.95 12.94
N PRO E 124 26.04 -4.85 13.71
CA PRO E 124 24.77 -4.26 14.15
C PRO E 124 23.98 -3.81 12.93
N THR E 125 22.85 -4.47 12.67
CA THR E 125 22.04 -4.14 11.51
C THR E 125 20.56 -3.91 11.79
N ARG E 126 19.92 -3.11 10.93
CA ARG E 126 18.49 -2.84 11.06
C ARG E 126 17.78 -4.17 10.75
N TYR E 127 16.50 -4.30 11.10
CA TYR E 127 15.79 -5.53 10.80
C TYR E 127 15.68 -5.73 9.29
N PRO E 128 16.18 -6.85 8.81
CA PRO E 128 16.14 -7.13 7.37
C PRO E 128 14.74 -7.34 6.83
N VAL E 129 14.43 -6.69 5.72
CA VAL E 129 13.11 -6.81 5.11
C VAL E 129 13.19 -7.46 3.75
N ASN E 130 12.11 -8.13 3.37
CA ASN E 130 12.04 -8.79 2.08
C ASN E 130 12.26 -7.78 0.94
N LEU E 131 13.33 -7.96 0.18
CA LEU E 131 13.60 -7.04 -0.91
C LEU E 131 12.40 -6.92 -1.86
N PHE E 132 11.66 -8.02 -2.02
CA PHE E 132 10.50 -8.01 -2.92
C PHE E 132 9.24 -7.41 -2.30
N ARG E 133 9.42 -6.71 -1.18
CA ARG E 133 8.33 -6.01 -0.49
C ARG E 133 8.69 -4.54 -0.36
N ASP E 134 9.91 -4.20 -0.76
CA ASP E 134 10.39 -2.81 -0.73
C ASP E 134 9.62 -1.93 -1.73
N ASP E 135 9.28 -0.72 -1.32
CA ASP E 135 8.52 0.21 -2.17
C ASP E 135 9.23 0.48 -3.49
N GLU E 136 10.44 1.02 -3.40
CA GLU E 136 11.18 1.31 -4.62
C GLU E 136 11.43 0.11 -5.50
N PHE E 137 11.75 -1.04 -4.93
CA PHE E 137 12.04 -2.21 -5.75
C PHE E 137 10.80 -2.73 -6.44
N LYS E 138 9.68 -2.77 -5.73
CA LYS E 138 8.42 -3.17 -6.34
C LYS E 138 8.14 -2.23 -7.53
N THR E 139 8.42 -0.94 -7.33
CA THR E 139 8.19 0.05 -8.38
C THR E 139 9.08 -0.22 -9.59
N THR E 140 10.32 -0.62 -9.33
CA THR E 140 11.25 -0.96 -10.41
C THR E 140 10.69 -2.11 -11.23
N ILE E 141 10.17 -3.12 -10.54
CA ILE E 141 9.60 -4.25 -11.23
C ILE E 141 8.35 -3.82 -12.01
N GLN E 142 7.60 -2.85 -11.47
CA GLN E 142 6.39 -2.39 -12.16
C GLN E 142 6.80 -1.64 -13.42
N HIS E 143 7.91 -0.92 -13.34
CA HIS E 143 8.41 -0.19 -14.49
C HIS E 143 8.76 -1.19 -15.57
N PHE E 144 9.45 -2.24 -15.16
CA PHE E 144 9.85 -3.31 -16.06
C PHE E 144 8.62 -3.88 -16.77
N ARG E 145 7.58 -4.20 -16.01
CA ARG E 145 6.38 -4.77 -16.61
C ARG E 145 5.69 -3.76 -17.52
N HIS E 146 5.61 -2.51 -17.07
CA HIS E 146 4.94 -1.46 -17.84
C HIS E 146 5.61 -1.25 -19.19
N THR E 147 6.94 -1.37 -19.19
CA THR E 147 7.70 -1.20 -20.41
C THR E 147 7.40 -2.32 -21.39
N ALA E 148 7.38 -3.56 -20.89
CA ALA E 148 7.08 -4.73 -21.70
C ALA E 148 5.62 -4.69 -22.19
N LEU E 149 4.73 -4.16 -21.35
CA LEU E 149 3.31 -4.10 -21.69
C LEU E 149 3.04 -3.10 -22.80
N GLN E 150 3.69 -1.96 -22.67
CA GLN E 150 3.51 -0.88 -23.61
C GLN E 150 4.08 -1.25 -24.98
N ALA E 151 5.22 -1.94 -24.99
CA ALA E 151 5.83 -2.34 -26.25
C ALA E 151 4.98 -3.37 -26.98
N ALA E 152 4.37 -4.27 -26.21
CA ALA E 152 3.51 -5.32 -26.77
C ALA E 152 2.20 -4.73 -27.29
N ILE E 153 1.59 -3.83 -26.52
CA ILE E 153 0.34 -3.18 -26.95
C ILE E 153 0.54 -2.33 -28.21
N ASN E 154 1.64 -1.57 -28.27
CA ASN E 154 1.90 -0.74 -29.45
C ASN E 154 2.23 -1.57 -30.68
N LYS E 155 2.46 -2.86 -30.47
CA LYS E 155 2.77 -3.75 -31.57
C LYS E 155 1.52 -4.58 -31.96
N THR E 156 0.67 -4.82 -30.98
CA THR E 156 -0.55 -5.61 -31.14
C THR E 156 -1.74 -4.79 -31.58
N VAL E 157 -1.93 -3.64 -30.93
CA VAL E 157 -3.05 -2.74 -31.25
C VAL E 157 -2.70 -1.80 -32.38
N LYS E 158 -3.49 -1.83 -33.44
CA LYS E 158 -3.24 -1.01 -34.61
C LYS E 158 -4.54 -0.71 -35.35
N GLY E 159 -4.46 0.17 -36.34
CA GLY E 159 -5.64 0.52 -37.13
C GLY E 159 -6.61 1.50 -36.51
N ASP E 160 -6.31 1.99 -35.32
CA ASP E 160 -7.18 2.94 -34.63
C ASP E 160 -8.65 2.54 -34.65
N ASN E 161 -8.93 1.36 -34.10
CA ASN E 161 -10.29 0.87 -34.06
C ASN E 161 -11.07 1.61 -32.97
N LEU E 162 -11.42 2.86 -33.27
CA LEU E 162 -12.15 3.70 -32.32
C LEU E 162 -13.63 3.36 -32.28
N VAL E 163 -14.22 3.39 -31.09
CA VAL E 163 -15.64 3.13 -30.94
C VAL E 163 -16.39 4.15 -31.82
N ASP E 164 -17.32 3.67 -32.64
CA ASP E 164 -18.08 4.57 -33.50
C ASP E 164 -18.87 5.55 -32.63
N ILE E 165 -18.66 6.84 -32.89
CA ILE E 165 -19.29 7.89 -32.11
C ILE E 165 -20.81 7.72 -31.97
N SER E 166 -21.47 7.21 -33.01
CA SER E 166 -22.92 7.01 -32.97
C SER E 166 -23.36 6.07 -31.82
N LYS E 167 -22.51 5.10 -31.51
CA LYS E 167 -22.82 4.14 -30.45
C LYS E 167 -22.94 4.78 -29.07
N VAL E 168 -22.38 5.97 -28.90
CA VAL E 168 -22.48 6.61 -27.59
C VAL E 168 -23.08 8.01 -27.64
N ALA E 169 -23.49 8.45 -28.83
CA ALA E 169 -24.08 9.78 -28.99
C ALA E 169 -25.59 9.75 -29.13
N ASP E 170 -26.14 8.55 -29.31
CA ASP E 170 -27.58 8.37 -29.46
C ASP E 170 -27.99 7.13 -28.63
N ALA E 171 -27.35 6.96 -27.49
CA ALA E 171 -27.58 5.81 -26.61
C ALA E 171 -28.90 5.81 -25.84
N ALA E 172 -29.93 6.43 -26.40
CA ALA E 172 -31.23 6.47 -25.73
C ALA E 172 -31.86 5.08 -25.74
N GLY E 173 -31.96 4.51 -26.94
CA GLY E 173 -32.51 3.17 -27.08
C GLY E 173 -31.45 2.13 -27.40
N LYS E 174 -30.24 2.37 -26.91
CA LYS E 174 -29.11 1.47 -27.13
C LYS E 174 -28.55 0.86 -25.83
N LYS E 175 -28.40 -0.45 -25.83
CA LYS E 175 -27.85 -1.14 -24.67
C LYS E 175 -26.60 -1.91 -25.13
N GLY E 176 -25.59 -1.99 -24.28
CA GLY E 176 -24.38 -2.71 -24.67
C GLY E 176 -23.72 -3.43 -23.51
N LYS E 177 -22.81 -4.34 -23.85
CA LYS E 177 -22.06 -5.14 -22.88
C LYS E 177 -20.68 -4.53 -22.71
N VAL E 178 -20.32 -4.24 -21.46
CA VAL E 178 -19.05 -3.60 -21.11
C VAL E 178 -17.84 -4.38 -21.56
N ASP E 179 -17.99 -5.68 -21.74
CA ASP E 179 -16.85 -6.47 -22.20
C ASP E 179 -16.42 -6.08 -23.63
N ALA E 180 -17.24 -5.28 -24.31
CA ALA E 180 -16.90 -4.83 -25.65
C ALA E 180 -15.70 -3.84 -25.56
N GLY E 181 -15.38 -3.41 -24.35
CA GLY E 181 -14.26 -2.52 -24.18
C GLY E 181 -12.96 -3.27 -23.87
N ILE E 182 -13.02 -4.59 -23.85
CA ILE E 182 -11.81 -5.35 -23.54
C ILE E 182 -10.93 -5.60 -24.74
N VAL E 183 -9.66 -5.24 -24.66
CA VAL E 183 -8.77 -5.43 -25.79
C VAL E 183 -7.57 -6.25 -25.38
N LYS E 184 -7.18 -7.23 -26.20
CA LYS E 184 -6.03 -8.06 -25.89
C LYS E 184 -4.76 -7.23 -26.00
N ALA E 185 -3.89 -7.36 -25.00
CA ALA E 185 -2.64 -6.61 -24.93
C ALA E 185 -1.53 -7.19 -25.78
N SER E 186 -1.62 -8.47 -26.13
CA SER E 186 -0.57 -9.10 -26.92
C SER E 186 -1.00 -10.44 -27.48
N ALA E 187 -0.07 -11.09 -28.18
CA ALA E 187 -0.32 -12.38 -28.80
C ALA E 187 0.09 -13.45 -27.81
N SER E 188 -0.73 -13.65 -26.79
CA SER E 188 -0.44 -14.64 -25.76
C SER E 188 -1.14 -15.97 -26.01
N LYS E 189 -1.12 -16.80 -24.99
CA LYS E 189 -1.75 -18.11 -25.06
C LYS E 189 -2.86 -18.17 -24.02
N GLY E 190 -2.57 -17.67 -22.83
CA GLY E 190 -3.56 -17.70 -21.76
C GLY E 190 -4.07 -16.34 -21.36
N ASP E 191 -4.56 -16.24 -20.12
CA ASP E 191 -5.10 -14.98 -19.62
C ASP E 191 -4.05 -14.09 -18.97
N GLU E 192 -2.81 -14.57 -18.88
CA GLU E 192 -1.75 -13.77 -18.27
C GLU E 192 -0.83 -13.16 -19.31
N PHE E 193 -0.42 -11.92 -19.06
CA PHE E 193 0.49 -11.26 -19.96
C PHE E 193 1.87 -11.90 -19.81
N SER E 194 2.47 -12.29 -20.92
CA SER E 194 3.78 -12.94 -20.87
C SER E 194 4.68 -12.56 -22.04
N ASP E 195 4.33 -11.50 -22.75
CA ASP E 195 5.13 -11.05 -23.87
C ASP E 195 6.35 -10.27 -23.42
N PHE E 196 7.33 -10.95 -22.82
CA PHE E 196 8.56 -10.30 -22.39
C PHE E 196 9.70 -10.61 -23.37
N SER E 197 10.72 -9.75 -23.40
CA SER E 197 11.84 -9.95 -24.32
C SER E 197 13.10 -10.45 -23.64
N PHE E 198 13.11 -10.46 -22.31
CA PHE E 198 14.28 -10.96 -21.60
C PHE E 198 14.23 -12.48 -21.68
N LYS E 199 15.37 -13.12 -21.93
CA LYS E 199 15.34 -14.57 -22.01
C LYS E 199 15.48 -15.19 -20.63
N GLU E 200 14.39 -15.80 -20.18
CA GLU E 200 14.31 -16.44 -18.89
C GLU E 200 15.44 -17.43 -18.64
N GLY E 201 16.37 -17.06 -17.78
CA GLY E 201 17.48 -17.94 -17.47
C GLY E 201 17.00 -19.24 -16.85
N ASN E 202 17.73 -20.32 -17.08
CA ASN E 202 17.36 -21.62 -16.53
C ASN E 202 18.22 -21.97 -15.29
N THR E 203 19.25 -22.78 -15.49
CA THR E 203 20.14 -23.18 -14.38
C THR E 203 19.42 -24.01 -13.33
N ALA E 204 19.89 -25.24 -13.14
CA ALA E 204 19.30 -26.15 -12.17
C ALA E 204 19.68 -25.75 -10.75
N THR E 205 18.73 -25.91 -9.82
CA THR E 205 18.95 -25.57 -8.43
C THR E 205 18.34 -26.62 -7.50
N LEU E 206 18.85 -26.69 -6.27
CA LEU E 206 18.36 -27.66 -5.29
C LEU E 206 17.24 -27.11 -4.42
N LYS E 207 16.28 -27.97 -4.09
CA LYS E 207 15.19 -27.57 -3.22
C LYS E 207 15.75 -27.63 -1.80
N ILE E 208 15.46 -26.60 -1.01
CA ILE E 208 15.96 -26.53 0.37
C ILE E 208 15.70 -27.80 1.18
N ALA E 209 14.71 -28.59 0.78
CA ALA E 209 14.38 -29.82 1.47
C ALA E 209 15.36 -30.95 1.16
N ASP E 210 15.88 -30.96 -0.06
CA ASP E 210 16.82 -31.99 -0.46
C ASP E 210 18.15 -31.86 0.26
N ILE E 211 18.52 -30.62 0.58
CA ILE E 211 19.77 -30.35 1.27
C ILE E 211 19.63 -30.66 2.76
N PHE E 212 18.39 -30.83 3.20
CA PHE E 212 18.08 -31.14 4.59
C PHE E 212 18.12 -32.65 4.79
N VAL E 213 17.76 -33.37 3.73
CA VAL E 213 17.74 -34.82 3.75
C VAL E 213 19.15 -35.34 3.52
N GLN E 214 19.91 -34.62 2.71
CA GLN E 214 21.29 -34.99 2.40
C GLN E 214 22.17 -34.88 3.64
N GLU E 215 21.71 -34.13 4.64
CA GLU E 215 22.48 -33.94 5.87
C GLU E 215 21.82 -34.65 7.04
N LYS E 216 20.51 -34.80 6.99
CA LYS E 216 19.76 -35.48 8.05
C LYS E 216 18.50 -36.15 7.49
N GLY E 217 18.65 -37.40 7.05
CA GLY E 217 17.55 -38.16 6.49
C GLY E 217 16.14 -37.84 6.98
#